data_5O78
#
_entry.id   5O78
#
_cell.length_a   111.570
_cell.length_b   115.940
_cell.length_c   216.661
_cell.angle_alpha   90.00
_cell.angle_beta   90.00
_cell.angle_gamma   90.00
#
_symmetry.space_group_name_H-M   'I 2 2 2'
#
loop_
_entity.id
_entity.type
_entity.pdbx_description
1 polymer 'Phosphoporin PhoE'
2 water water
#
_entity_poly.entity_id   1
_entity_poly.type   'polypeptide(L)'
_entity_poly.pdbx_seq_one_letter_code
;AEIYNKNGNKLDFYGKMVGEHVWTTNGDTSSDDTTYARIGLKGETQINDQLIGYGQWEYNMDASNVEGSQTTKTRLAFAG
LKAGEYGSFDYGRNYGAIYDVESATDMLVEWGGDGWNYTDNFMTGRTNGVATYRNSDFFGLVDGLSFALQYQGKNDHDRS
IRKQNGDGFSTAATYAFDNGIALSAGYANSNRSVDQKRDGNGDKAEAWATSAKYDANNIYAAVMYSQTYNMTPEEDDHFA
GKTQNFEAVVQYQFDFGLRPSLGYVQTKGKNLQARGGFGGGDADLVKYVELGTWYYFNKNMNVYAAYKFNQLDDNAYTRA
AGVATDDQAAVGIVYQF
;
_entity_poly.pdbx_strand_id   A,B,C
#
# COMPACT_ATOMS: atom_id res chain seq x y z
N ASN A 7 4.79 7.57 -29.53
CA ASN A 7 6.07 7.03 -28.98
C ASN A 7 7.06 8.15 -28.61
N GLY A 8 6.67 9.00 -27.66
CA GLY A 8 7.54 10.04 -27.11
C GLY A 8 7.78 9.86 -25.63
N ASN A 9 7.78 8.60 -25.15
CA ASN A 9 7.70 8.31 -23.70
C ASN A 9 8.67 7.19 -23.29
N LYS A 10 9.12 7.20 -22.03
CA LYS A 10 9.99 6.14 -21.48
C LYS A 10 9.52 5.85 -20.06
N LEU A 11 9.25 4.59 -19.75
CA LEU A 11 8.87 4.16 -18.39
C LEU A 11 9.80 3.08 -17.90
N ASP A 12 10.14 3.16 -16.62
CA ASP A 12 11.25 2.44 -16.04
C ASP A 12 10.87 1.98 -14.65
N PHE A 13 10.52 0.70 -14.49
CA PHE A 13 10.31 0.14 -13.15
C PHE A 13 11.66 -0.17 -12.55
N TYR A 14 11.84 0.21 -11.30
CA TYR A 14 12.98 -0.22 -10.48
C TYR A 14 12.49 -0.62 -9.11
N GLY A 15 13.30 -1.41 -8.42
CA GLY A 15 12.95 -1.81 -7.08
C GLY A 15 13.91 -2.83 -6.50
N LYS A 16 13.63 -3.25 -5.28
CA LYS A 16 14.46 -4.25 -4.63
C LYS A 16 13.74 -4.94 -3.50
N MET A 17 13.98 -6.25 -3.38
CA MET A 17 13.63 -7.03 -2.20
C MET A 17 14.89 -7.10 -1.34
N VAL A 18 14.74 -6.76 -0.06
CA VAL A 18 15.86 -6.65 0.85
C VAL A 18 15.57 -7.50 2.08
N GLY A 19 16.19 -8.67 2.14
CA GLY A 19 16.13 -9.52 3.32
C GLY A 19 17.25 -9.08 4.23
N GLU A 20 16.90 -8.64 5.43
CA GLU A 20 17.85 -7.97 6.30
C GLU A 20 17.51 -8.22 7.76
N HIS A 21 18.55 -8.19 8.58
CA HIS A 21 18.45 -8.51 9.99
C HIS A 21 19.43 -7.67 10.77
N VAL A 22 19.00 -7.18 11.93
CA VAL A 22 19.80 -6.27 12.77
C VAL A 22 19.84 -6.74 14.22
N TRP A 23 21.04 -6.75 14.81
CA TRP A 23 21.22 -7.03 16.24
C TRP A 23 21.62 -5.78 16.99
N THR A 24 21.22 -5.71 18.26
CA THR A 24 21.84 -4.83 19.23
C THR A 24 22.65 -5.74 20.13
N THR A 25 23.96 -5.52 20.17
CA THR A 25 24.93 -6.46 20.76
C THR A 25 25.39 -6.17 22.21
N ASN A 26 25.32 -4.91 22.65
CA ASN A 26 25.63 -4.54 24.06
C ASN A 26 24.38 -4.50 24.92
N GLY A 27 24.58 -4.32 26.22
CA GLY A 27 23.54 -3.88 27.18
C GLY A 27 22.09 -4.29 26.95
N ASP A 28 21.32 -3.44 26.29
CA ASP A 28 19.91 -3.70 25.98
C ASP A 28 19.80 -4.50 24.67
N THR A 29 20.21 -5.76 24.74
CA THR A 29 20.33 -6.61 23.55
C THR A 29 18.97 -6.87 22.91
N SER A 30 19.00 -7.06 21.60
CA SER A 30 17.80 -7.36 20.82
C SER A 30 18.21 -7.92 19.47
N SER A 31 17.26 -8.47 18.75
CA SER A 31 17.55 -9.13 17.49
C SER A 31 16.34 -9.11 16.58
N ASP A 32 16.33 -8.21 15.60
CA ASP A 32 15.12 -7.92 14.83
C ASP A 32 15.25 -8.09 13.31
N ASP A 33 14.20 -8.64 12.71
CA ASP A 33 14.02 -8.70 11.25
C ASP A 33 13.75 -7.27 10.80
N THR A 34 14.28 -6.89 9.64
CA THR A 34 13.96 -5.59 9.04
C THR A 34 13.84 -5.72 7.51
N THR A 35 13.21 -6.81 7.08
CA THR A 35 12.94 -7.07 5.68
C THR A 35 11.97 -6.02 5.12
N TYR A 36 12.22 -5.63 3.88
CA TYR A 36 11.33 -4.75 3.15
C TYR A 36 11.52 -4.93 1.65
N ALA A 37 10.51 -4.47 0.91
CA ALA A 37 10.56 -4.36 -0.53
C ALA A 37 10.34 -2.89 -0.93
N ARG A 38 10.89 -2.53 -2.07
CA ARG A 38 10.73 -1.20 -2.60
C ARG A 38 10.48 -1.29 -4.07
N ILE A 39 9.54 -0.52 -4.57
CA ILE A 39 9.23 -0.50 -5.99
C ILE A 39 9.10 0.99 -6.32
N GLY A 40 9.58 1.36 -7.50
CA GLY A 40 9.47 2.71 -7.97
C GLY A 40 9.30 2.76 -9.46
N LEU A 41 8.95 3.94 -9.95
CA LEU A 41 8.70 4.17 -11.36
C LEU A 41 9.27 5.52 -11.75
N LYS A 42 9.96 5.55 -12.90
CA LYS A 42 10.54 6.77 -13.47
C LYS A 42 10.01 6.98 -14.87
N GLY A 43 9.36 8.12 -15.08
CA GLY A 43 8.72 8.43 -16.37
C GLY A 43 9.27 9.71 -16.98
N GLU A 44 9.55 9.66 -18.29
CA GLU A 44 10.19 10.77 -18.99
C GLU A 44 9.53 10.87 -20.35
N THR A 45 8.91 12.01 -20.66
CA THR A 45 8.27 12.22 -21.97
C THR A 45 8.99 13.33 -22.74
N GLN A 46 9.20 13.09 -24.03
CA GLN A 46 9.76 14.12 -24.92
C GLN A 46 8.60 14.99 -25.43
N ILE A 47 8.54 16.23 -24.95
CA ILE A 47 7.53 17.19 -25.37
C ILE A 47 7.95 17.89 -26.67
N ASN A 48 9.16 18.41 -26.62
CA ASN A 48 9.82 19.17 -27.67
C ASN A 48 11.24 18.75 -27.82
N ASP A 49 11.97 19.44 -28.68
CA ASP A 49 13.36 19.16 -28.87
C ASP A 49 14.07 19.87 -27.76
N GLN A 50 13.49 20.97 -27.34
CA GLN A 50 13.98 21.76 -26.19
C GLN A 50 13.46 21.35 -24.81
N LEU A 51 12.39 20.56 -24.72
CA LEU A 51 11.61 20.37 -23.46
C LEU A 51 11.24 18.90 -23.18
N ILE A 52 11.49 18.47 -21.94
CA ILE A 52 11.19 17.13 -21.45
C ILE A 52 10.29 17.23 -20.21
N GLY A 53 9.31 16.35 -20.11
CA GLY A 53 8.46 16.23 -18.92
C GLY A 53 8.77 14.92 -18.21
N TYR A 54 8.75 14.91 -16.88
CA TYR A 54 9.09 13.71 -16.13
C TYR A 54 8.32 13.57 -14.83
N GLY A 55 8.27 12.35 -14.33
CA GLY A 55 7.65 12.05 -13.04
C GLY A 55 8.31 10.89 -12.37
N GLN A 56 8.30 10.89 -11.05
CA GLN A 56 8.81 9.75 -10.29
C GLN A 56 7.90 9.45 -9.11
N TRP A 57 7.74 8.15 -8.85
CA TRP A 57 7.28 7.70 -7.55
C TRP A 57 8.08 6.55 -7.01
N GLU A 58 8.10 6.44 -5.69
CA GLU A 58 8.87 5.42 -4.99
C GLU A 58 8.13 5.02 -3.74
N TYR A 59 7.82 3.72 -3.66
CA TYR A 59 6.96 3.13 -2.65
C TYR A 59 7.74 2.07 -1.88
N ASN A 60 7.75 2.18 -0.55
CA ASN A 60 8.43 1.24 0.33
C ASN A 60 7.38 0.38 1.06
N MET A 61 7.67 -0.91 1.21
CA MET A 61 6.75 -1.84 1.87
C MET A 61 7.49 -2.65 2.94
N ASP A 62 7.23 -2.33 4.20
CA ASP A 62 7.65 -3.12 5.33
C ASP A 62 7.14 -4.54 5.16
N ALA A 63 8.03 -5.51 5.34
CA ALA A 63 7.67 -6.91 5.34
C ALA A 63 8.04 -7.51 6.67
N SER A 64 8.09 -6.67 7.68
CA SER A 64 8.82 -6.94 8.92
C SER A 64 7.88 -7.25 10.08
N ASN A 65 6.75 -6.54 10.11
CA ASN A 65 5.66 -6.81 11.02
C ASN A 65 4.75 -7.87 10.46
N VAL A 66 3.81 -8.30 11.30
CA VAL A 66 2.77 -9.24 10.90
C VAL A 66 1.87 -8.63 9.85
N GLU A 67 1.17 -9.47 9.09
CA GLU A 67 0.29 -8.99 8.03
C GLU A 67 -0.78 -7.96 8.36
N GLY A 68 -1.35 -7.98 9.55
CA GLY A 68 -2.17 -6.85 9.97
C GLY A 68 -1.52 -5.46 9.95
N SER A 69 -0.23 -5.38 10.25
CA SER A 69 0.41 -4.14 10.77
C SER A 69 1.64 -3.60 10.04
N GLN A 70 1.90 -4.02 8.80
CA GLN A 70 3.07 -3.57 8.04
C GLN A 70 2.85 -2.16 7.45
N THR A 71 3.67 -1.16 7.80
CA THR A 71 3.48 0.16 7.20
C THR A 71 4.05 0.20 5.79
N THR A 72 3.37 0.94 4.91
CA THR A 72 3.90 1.33 3.62
C THR A 72 4.17 2.82 3.64
N LYS A 73 5.09 3.27 2.79
CA LYS A 73 5.50 4.68 2.72
C LYS A 73 5.71 5.07 1.28
N THR A 74 5.13 6.19 0.87
CA THR A 74 5.51 6.78 -0.41
C THR A 74 6.64 7.76 -0.10
N ARG A 75 7.84 7.38 -0.51
CA ARG A 75 9.05 8.14 -0.21
C ARG A 75 9.23 9.32 -1.16
N LEU A 76 9.04 9.07 -2.45
CA LEU A 76 9.10 10.08 -3.48
C LEU A 76 7.84 10.09 -4.32
N ALA A 77 7.41 11.29 -4.70
CA ALA A 77 6.31 11.47 -5.64
C ALA A 77 6.38 12.89 -6.19
N PHE A 78 6.83 13.03 -7.43
CA PHE A 78 6.92 14.34 -8.05
C PHE A 78 6.83 14.29 -9.56
N ALA A 79 6.61 15.47 -10.14
CA ALA A 79 6.55 15.67 -11.57
C ALA A 79 7.19 16.98 -11.87
N GLY A 80 7.78 17.09 -13.05
CA GLY A 80 8.50 18.29 -13.41
C GLY A 80 8.73 18.45 -14.89
N LEU A 81 9.16 19.64 -15.27
CA LEU A 81 9.66 19.91 -16.60
C LEU A 81 11.16 20.12 -16.55
N LYS A 82 11.80 19.95 -17.70
CA LYS A 82 13.24 19.98 -17.85
C LYS A 82 13.53 20.56 -19.23
N ALA A 83 14.29 21.65 -19.30
CA ALA A 83 14.44 22.40 -20.56
C ALA A 83 15.90 22.79 -20.86
N GLY A 84 16.70 21.78 -21.17
CA GLY A 84 18.10 22.00 -21.59
C GLY A 84 18.91 22.75 -20.54
N GLU A 85 19.53 23.85 -20.95
CA GLU A 85 20.35 24.67 -20.06
C GLU A 85 19.54 25.62 -19.18
N TYR A 86 18.27 25.85 -19.52
CA TYR A 86 17.34 26.59 -18.66
C TYR A 86 17.11 25.90 -17.31
N GLY A 87 17.40 24.59 -17.24
CA GLY A 87 17.33 23.84 -16.00
C GLY A 87 16.05 23.01 -15.92
N SER A 88 15.75 22.52 -14.72
CA SER A 88 14.54 21.73 -14.48
C SER A 88 13.78 22.31 -13.32
N PHE A 89 12.51 21.92 -13.21
CA PHE A 89 11.66 22.30 -12.11
C PHE A 89 10.72 21.16 -11.81
N ASP A 90 10.68 20.71 -10.56
CA ASP A 90 9.77 19.65 -10.13
C ASP A 90 9.02 20.10 -8.92
N TYR A 91 7.91 19.44 -8.66
CA TYR A 91 7.18 19.63 -7.42
C TYR A 91 6.61 18.33 -6.86
N GLY A 92 6.67 18.19 -5.53
CA GLY A 92 5.95 17.13 -4.82
C GLY A 92 6.62 16.71 -3.54
N ARG A 93 6.73 15.41 -3.33
CA ARG A 93 7.52 14.87 -2.23
C ARG A 93 8.88 14.51 -2.78
N ASN A 94 9.92 15.24 -2.39
CA ASN A 94 11.27 15.02 -2.90
C ASN A 94 12.31 15.22 -1.79
N TYR A 95 13.56 14.84 -2.10
CA TYR A 95 14.69 15.18 -1.25
C TYR A 95 14.84 16.67 -1.19
N GLY A 96 15.04 17.20 0.01
CA GLY A 96 15.37 18.61 0.21
C GLY A 96 16.74 18.90 -0.41
N ALA A 97 16.94 20.13 -0.87
CA ALA A 97 18.11 20.49 -1.67
C ALA A 97 19.41 20.42 -0.89
N ILE A 98 19.38 20.76 0.41
CA ILE A 98 20.57 20.70 1.25
C ILE A 98 21.03 19.25 1.50
N TYR A 99 20.17 18.28 1.23
CA TYR A 99 20.57 16.89 1.21
C TYR A 99 21.62 16.59 0.11
N ASP A 100 21.68 17.38 -0.97
CA ASP A 100 22.75 17.23 -1.99
C ASP A 100 24.16 17.25 -1.38
N VAL A 101 24.33 18.11 -0.39
CA VAL A 101 25.56 18.19 0.39
C VAL A 101 25.84 16.85 1.10
N GLU A 102 24.83 16.35 1.79
CA GLU A 102 24.91 15.10 2.55
C GLU A 102 25.08 13.83 1.71
N SER A 103 24.57 13.81 0.48
CA SER A 103 24.55 12.56 -0.30
C SER A 103 25.92 11.92 -0.49
N ALA A 104 26.98 12.75 -0.56
CA ALA A 104 28.38 12.30 -0.56
C ALA A 104 28.68 11.33 0.58
N THR A 105 28.30 11.69 1.79
CA THR A 105 28.62 10.94 3.01
C THR A 105 27.51 9.99 3.51
N ASP A 106 26.38 9.95 2.81
CA ASP A 106 25.32 8.97 3.05
C ASP A 106 25.47 7.81 2.04
N MET A 107 26.62 7.15 2.10
CA MET A 107 27.00 6.08 1.21
C MET A 107 27.42 4.87 2.02
N LEU A 108 26.91 4.76 3.24
CA LEU A 108 27.26 3.68 4.14
C LEU A 108 26.38 2.45 3.91
N VAL A 109 26.76 1.34 4.52
CA VAL A 109 26.13 0.05 4.29
C VAL A 109 24.75 0.04 4.90
N GLU A 110 24.68 0.23 6.21
CA GLU A 110 23.42 0.14 6.97
C GLU A 110 22.97 1.45 7.61
N TRP A 111 23.89 2.15 8.25
CA TRP A 111 23.64 3.43 8.91
C TRP A 111 24.07 4.56 7.95
N GLY A 112 24.30 5.79 8.45
CA GLY A 112 24.65 6.95 7.60
C GLY A 112 23.52 7.95 7.53
N GLY A 113 23.86 9.24 7.55
CA GLY A 113 22.83 10.32 7.62
C GLY A 113 21.82 10.14 8.75
N ASP A 114 22.29 9.70 9.93
CA ASP A 114 21.45 9.55 11.13
C ASP A 114 21.36 10.91 11.78
N GLY A 115 22.50 11.47 12.13
CA GLY A 115 22.56 12.76 12.79
C GLY A 115 22.28 13.80 11.72
N TRP A 116 21.56 14.84 12.13
CA TRP A 116 21.21 16.00 11.27
C TRP A 116 20.13 15.80 10.18
N ASN A 117 20.16 14.66 9.46
CA ASN A 117 19.14 14.36 8.42
C ASN A 117 18.05 13.39 8.87
N TYR A 118 16.83 13.92 8.96
CA TYR A 118 15.67 13.13 9.31
C TYR A 118 14.62 13.31 8.24
N THR A 119 13.79 12.29 8.06
CA THR A 119 12.73 12.33 7.08
C THR A 119 11.62 13.14 7.72
N ASP A 120 11.02 14.02 6.89
CA ASP A 120 10.00 14.97 7.32
C ASP A 120 10.54 15.87 8.41
N ASN A 121 11.69 16.46 8.12
CA ASN A 121 12.33 17.39 9.01
C ASN A 121 12.83 18.56 8.18
N PHE A 122 11.97 19.55 8.03
CA PHE A 122 12.22 20.69 7.18
C PHE A 122 12.74 20.24 5.78
N MET A 123 14.01 20.47 5.43
CA MET A 123 14.54 20.08 4.10
C MET A 123 15.84 19.27 4.22
N THR A 124 16.05 18.63 5.38
CA THR A 124 17.24 17.85 5.67
C THR A 124 17.20 16.46 5.00
N GLY A 125 15.99 15.94 4.75
CA GLY A 125 15.80 14.73 3.97
C GLY A 125 14.59 14.83 3.08
N ARG A 126 13.96 13.69 2.83
CA ARG A 126 12.70 13.64 2.09
C ARG A 126 11.59 14.37 2.84
N THR A 127 10.85 15.22 2.13
CA THR A 127 9.76 16.01 2.74
C THR A 127 8.65 16.35 1.77
N ASN A 128 7.53 16.81 2.32
CA ASN A 128 6.35 17.20 1.53
C ASN A 128 6.36 18.63 1.07
N GLY A 129 5.75 18.83 -0.10
CA GLY A 129 5.48 20.15 -0.66
C GLY A 129 6.71 20.93 -1.01
N VAL A 130 7.61 20.35 -1.81
CA VAL A 130 8.83 21.03 -2.23
C VAL A 130 8.81 21.28 -3.72
N ALA A 131 8.88 22.56 -4.07
CA ALA A 131 9.14 23.01 -5.41
C ALA A 131 10.64 23.18 -5.47
N THR A 132 11.27 22.55 -6.47
CA THR A 132 12.72 22.51 -6.57
C THR A 132 13.12 22.93 -7.97
N TYR A 133 14.04 23.87 -8.08
CA TYR A 133 14.63 24.22 -9.37
C TYR A 133 16.07 23.71 -9.37
N ARG A 134 16.45 23.02 -10.45
CA ARG A 134 17.81 22.56 -10.63
C ARG A 134 18.40 23.04 -11.95
N ASN A 135 19.71 23.06 -12.01
CA ASN A 135 20.42 23.48 -13.18
C ASN A 135 21.82 22.93 -13.06
N SER A 136 22.22 22.06 -14.00
CA SER A 136 23.60 21.58 -14.08
C SER A 136 24.33 22.39 -15.15
N ASP A 137 25.63 22.56 -14.93
CA ASP A 137 26.51 23.36 -15.82
C ASP A 137 26.11 24.84 -15.93
N PHE A 138 25.59 25.38 -14.82
CA PHE A 138 25.30 26.82 -14.61
C PHE A 138 24.86 27.62 -15.83
N PHE A 139 23.72 27.20 -16.39
CA PHE A 139 23.12 27.81 -17.59
C PHE A 139 24.01 27.63 -18.82
N GLY A 140 24.73 26.51 -18.90
CA GLY A 140 25.71 26.28 -19.98
C GLY A 140 27.05 26.99 -19.89
N LEU A 141 27.23 27.84 -18.86
CA LEU A 141 28.41 28.71 -18.73
C LEU A 141 29.61 28.07 -18.01
N VAL A 142 29.37 27.19 -17.04
CA VAL A 142 30.44 26.64 -16.20
C VAL A 142 30.30 25.12 -16.10
N ASP A 143 31.15 24.37 -16.81
CA ASP A 143 31.08 22.90 -16.78
C ASP A 143 31.35 22.36 -15.39
N GLY A 144 30.46 21.46 -14.94
CA GLY A 144 30.60 20.82 -13.63
C GLY A 144 29.99 21.55 -12.46
N LEU A 145 29.55 22.81 -12.63
CA LEU A 145 28.90 23.55 -11.55
C LEU A 145 27.39 23.38 -11.68
N SER A 146 26.80 22.67 -10.72
CA SER A 146 25.35 22.53 -10.65
C SER A 146 24.84 23.21 -9.39
N PHE A 147 23.56 23.55 -9.40
CA PHE A 147 22.90 24.05 -8.21
C PHE A 147 21.43 23.69 -8.12
N ALA A 148 20.87 23.91 -6.94
CA ALA A 148 19.51 23.59 -6.62
C ALA A 148 18.96 24.71 -5.74
N LEU A 149 17.82 25.25 -6.13
CA LEU A 149 17.08 26.18 -5.29
C LEU A 149 15.76 25.52 -5.01
N GLN A 150 15.23 25.72 -3.81
CA GLN A 150 14.04 25.00 -3.41
C GLN A 150 13.22 25.73 -2.36
N TYR A 151 11.89 25.72 -2.54
CA TYR A 151 10.97 26.33 -1.59
C TYR A 151 10.10 25.23 -1.02
N GLN A 152 9.74 25.39 0.26
CA GLN A 152 8.84 24.48 0.92
C GLN A 152 7.75 25.27 1.62
N GLY A 153 6.49 24.91 1.34
CA GLY A 153 5.35 25.48 2.05
C GLY A 153 5.20 24.89 3.43
N LYS A 154 4.36 25.52 4.23
CA LYS A 154 4.22 25.13 5.64
C LYS A 154 3.41 23.84 5.80
N ASN A 155 3.87 23.00 6.74
CA ASN A 155 3.15 21.78 7.15
C ASN A 155 3.00 21.84 8.67
N ASP A 156 1.80 22.17 9.12
CA ASP A 156 1.59 22.88 10.38
C ASP A 156 0.50 22.30 11.30
N HIS A 157 -0.24 21.26 10.88
CA HIS A 157 -1.44 20.85 11.63
C HIS A 157 -1.61 19.36 11.88
N ASP A 158 -1.46 18.52 10.86
CA ASP A 158 -1.83 17.10 10.99
C ASP A 158 -0.60 16.19 11.18
N ARG A 159 0.29 16.63 12.06
CA ARG A 159 1.55 15.97 12.33
C ARG A 159 1.95 16.24 13.77
N SER A 160 2.90 15.43 14.24
CA SER A 160 3.60 15.71 15.47
C SER A 160 4.43 16.98 15.30
N ILE A 161 4.65 17.70 16.39
CA ILE A 161 5.45 18.91 16.41
C ILE A 161 6.85 18.63 15.83
N ARG A 162 7.37 17.43 16.14
CA ARG A 162 8.67 16.93 15.64
C ARG A 162 8.84 17.05 14.12
N LYS A 163 7.76 16.82 13.38
CA LYS A 163 7.79 16.74 11.92
C LYS A 163 7.21 17.96 11.20
N GLN A 164 6.87 19.02 11.94
CA GLN A 164 6.32 20.25 11.32
C GLN A 164 7.36 21.19 10.74
N ASN A 165 6.91 22.08 9.87
CA ASN A 165 7.75 23.16 9.33
C ASN A 165 6.90 24.34 8.92
N GLY A 166 7.48 25.53 9.00
CA GLY A 166 6.88 26.71 8.41
C GLY A 166 7.31 26.82 6.97
N ASP A 167 6.95 27.94 6.35
CA ASP A 167 7.44 28.28 5.03
C ASP A 167 8.97 28.37 5.11
N GLY A 168 9.65 28.00 4.03
CA GLY A 168 11.10 28.04 4.01
C GLY A 168 11.71 27.76 2.65
N PHE A 169 13.02 27.92 2.59
CA PHE A 169 13.77 27.63 1.38
C PHE A 169 15.13 27.01 1.70
N SER A 170 15.77 26.50 0.64
CA SER A 170 16.96 25.71 0.77
C SER A 170 17.67 25.74 -0.57
N THR A 171 19.00 25.76 -0.52
CA THR A 171 19.81 25.85 -1.73
C THR A 171 21.12 25.10 -1.57
N ALA A 172 21.58 24.53 -2.68
CA ALA A 172 22.80 23.74 -2.69
C ALA A 172 23.50 23.96 -4.00
N ALA A 173 24.83 24.00 -3.96
CA ALA A 173 25.65 24.07 -5.17
C ALA A 173 26.68 22.99 -5.07
N THR A 174 27.09 22.46 -6.21
CA THR A 174 28.15 21.44 -6.25
C THR A 174 29.05 21.77 -7.44
N TYR A 175 30.34 21.97 -7.16
CA TYR A 175 31.35 22.05 -8.21
C TYR A 175 32.07 20.72 -8.29
N ALA A 176 32.16 20.15 -9.50
CA ALA A 176 32.80 18.86 -9.74
C ALA A 176 33.92 19.00 -10.76
N PHE A 177 35.15 18.69 -10.33
CA PHE A 177 36.34 18.76 -11.18
C PHE A 177 36.51 17.49 -11.99
N ASP A 178 37.18 17.62 -13.13
CA ASP A 178 37.36 16.52 -14.09
C ASP A 178 38.17 15.32 -13.52
N ASN A 179 39.09 15.57 -12.60
CA ASN A 179 39.94 14.51 -12.04
C ASN A 179 39.24 13.53 -11.08
N GLY A 180 38.12 13.93 -10.48
CA GLY A 180 37.39 13.07 -9.53
C GLY A 180 36.96 13.71 -8.21
N ILE A 181 37.51 14.89 -7.89
CA ILE A 181 37.06 15.67 -6.73
C ILE A 181 35.72 16.35 -7.04
N ALA A 182 34.91 16.55 -5.99
CA ALA A 182 33.75 17.42 -6.06
C ALA A 182 33.54 18.12 -4.73
N LEU A 183 33.44 19.44 -4.80
CA LEU A 183 33.08 20.25 -3.63
C LEU A 183 31.62 20.57 -3.69
N SER A 184 31.04 20.83 -2.53
CA SER A 184 29.61 21.00 -2.45
C SER A 184 29.23 21.73 -1.16
N ALA A 185 28.29 22.65 -1.27
CA ALA A 185 27.93 23.52 -0.17
C ALA A 185 26.47 23.90 -0.30
N GLY A 186 25.81 24.08 0.85
CA GLY A 186 24.38 24.39 0.85
C GLY A 186 23.90 25.03 2.13
N TYR A 187 22.79 25.77 2.02
CA TYR A 187 22.16 26.42 3.17
C TYR A 187 20.64 26.41 3.10
N ALA A 188 19.99 26.43 4.26
CA ALA A 188 18.53 26.43 4.38
C ALA A 188 18.07 27.32 5.54
N ASN A 189 16.98 28.06 5.30
CA ASN A 189 16.34 28.95 6.30
C ASN A 189 14.85 28.66 6.21
N SER A 190 14.20 28.44 7.35
CA SER A 190 12.77 28.15 7.39
C SER A 190 12.13 28.86 8.58
N ASN A 191 10.86 29.25 8.43
CA ASN A 191 10.04 29.63 9.57
C ASN A 191 9.71 28.34 10.30
N ARG A 192 9.58 28.44 11.61
CA ARG A 192 9.10 27.33 12.41
C ARG A 192 7.58 27.45 12.51
N SER A 193 6.91 26.37 12.91
CA SER A 193 5.45 26.37 13.04
C SER A 193 5.04 27.02 14.34
N VAL A 194 3.80 27.53 14.39
CA VAL A 194 3.29 28.17 15.61
C VAL A 194 3.43 27.22 16.81
N ASP A 195 3.22 25.92 16.55
CA ASP A 195 3.35 24.88 17.58
C ASP A 195 4.80 24.73 18.05
N GLN A 196 5.76 24.76 17.13
CA GLN A 196 7.19 24.67 17.45
C GLN A 196 7.69 25.85 18.27
N LYS A 197 7.23 27.04 17.94
CA LYS A 197 7.65 28.27 18.63
C LYS A 197 7.29 28.35 20.10
N ARG A 198 6.38 27.51 20.59
CA ARG A 198 6.04 27.48 22.02
C ARG A 198 7.21 27.11 22.93
N ASP A 199 8.20 26.40 22.40
CA ASP A 199 9.42 26.12 23.18
C ASP A 199 10.21 27.36 23.67
N GLY A 200 10.05 28.50 22.98
CA GLY A 200 10.79 29.72 23.27
C GLY A 200 12.20 29.71 22.72
N ASN A 201 12.51 28.77 21.83
CA ASN A 201 13.86 28.57 21.31
C ASN A 201 14.19 29.53 20.18
N GLY A 202 13.18 30.17 19.61
CA GLY A 202 13.36 31.07 18.47
C GLY A 202 12.40 30.73 17.35
N ASP A 203 12.21 31.69 16.44
CA ASP A 203 11.14 31.60 15.42
C ASP A 203 11.64 31.05 14.08
N LYS A 204 12.96 30.88 13.94
CA LYS A 204 13.58 30.42 12.71
C LYS A 204 14.38 29.16 12.91
N ALA A 205 14.58 28.45 11.81
CA ALA A 205 15.31 27.18 11.79
C ALA A 205 16.22 27.23 10.60
N GLU A 206 17.51 26.99 10.83
CA GLU A 206 18.52 27.16 9.80
C GLU A 206 19.58 26.09 9.89
N ALA A 207 20.18 25.83 8.74
CA ALA A 207 21.37 24.99 8.66
C ALA A 207 22.24 25.40 7.51
N TRP A 208 23.53 25.15 7.64
CA TRP A 208 24.43 25.20 6.50
C TRP A 208 25.34 23.98 6.54
N ALA A 209 25.82 23.61 5.36
CA ALA A 209 26.54 22.38 5.21
C ALA A 209 27.54 22.52 4.10
N THR A 210 28.67 21.84 4.27
CA THR A 210 29.74 21.81 3.30
C THR A 210 30.18 20.35 3.15
N SER A 211 30.57 19.96 1.94
CA SER A 211 31.09 18.62 1.69
C SER A 211 32.12 18.60 0.57
N ALA A 212 33.00 17.61 0.65
CA ALA A 212 33.93 17.31 -0.41
C ALA A 212 33.92 15.80 -0.60
N LYS A 213 34.12 15.35 -1.83
CA LYS A 213 34.32 13.93 -2.07
C LYS A 213 35.36 13.72 -3.14
N TYR A 214 36.06 12.60 -3.02
CA TYR A 214 36.96 12.10 -4.03
C TYR A 214 36.37 10.77 -4.51
N ASP A 215 36.33 10.58 -5.83
CA ASP A 215 35.71 9.39 -6.41
C ASP A 215 36.41 9.01 -7.72
N ALA A 216 37.54 8.33 -7.59
CA ALA A 216 38.33 7.88 -8.74
C ALA A 216 39.24 6.71 -8.38
N ASN A 217 39.54 5.86 -9.36
CA ASN A 217 40.46 4.71 -9.22
C ASN A 217 39.99 3.72 -8.15
N ASN A 218 38.70 3.40 -8.19
CA ASN A 218 38.07 2.48 -7.25
C ASN A 218 38.06 2.93 -5.78
N ILE A 219 38.42 4.18 -5.52
CA ILE A 219 38.49 4.72 -4.16
C ILE A 219 37.33 5.67 -4.03
N TYR A 220 36.74 5.69 -2.84
CA TYR A 220 35.69 6.65 -2.54
C TYR A 220 35.95 7.19 -1.16
N ALA A 221 36.20 8.48 -1.10
CA ALA A 221 36.34 9.14 0.19
C ALA A 221 35.44 10.36 0.17
N ALA A 222 34.81 10.65 1.29
CA ALA A 222 33.98 11.83 1.41
C ALA A 222 34.01 12.35 2.83
N VAL A 223 33.90 13.67 2.95
CA VAL A 223 33.85 14.31 4.25
C VAL A 223 32.78 15.39 4.18
N MET A 224 32.20 15.70 5.34
CA MET A 224 31.05 16.58 5.39
C MET A 224 30.97 17.26 6.77
N TYR A 225 30.80 18.59 6.77
CA TYR A 225 30.60 19.32 8.02
C TYR A 225 29.37 20.21 7.89
N SER A 226 28.56 20.25 8.95
CA SER A 226 27.43 21.19 9.03
C SER A 226 27.12 21.64 10.43
N GLN A 227 26.31 22.70 10.48
CA GLN A 227 25.70 23.18 11.70
C GLN A 227 24.23 23.45 11.44
N THR A 228 23.38 23.14 12.41
CA THR A 228 21.94 23.43 12.33
C THR A 228 21.55 24.21 13.56
N TYR A 229 20.45 24.96 13.45
CA TYR A 229 19.94 25.80 14.51
C TYR A 229 18.44 25.65 14.56
N ASN A 230 17.91 25.20 15.70
CA ASN A 230 16.48 24.91 15.89
C ASN A 230 15.83 23.98 14.82
N MET A 231 16.65 23.15 14.17
CA MET A 231 16.24 22.29 13.05
C MET A 231 16.19 20.82 13.42
N THR A 232 17.24 20.37 14.12
CA THR A 232 17.48 18.96 14.40
C THR A 232 16.76 18.45 15.66
N PRO A 233 15.83 17.48 15.49
CA PRO A 233 15.10 16.93 16.63
C PRO A 233 15.89 15.89 17.43
N GLU A 234 15.83 16.02 18.75
CA GLU A 234 16.39 15.02 19.64
C GLU A 234 15.37 13.91 19.81
N GLU A 235 15.83 12.75 20.26
CA GLU A 235 14.97 11.61 20.61
C GLU A 235 13.88 11.98 21.63
N ASP A 236 14.13 13.02 22.41
CA ASP A 236 13.20 13.56 23.40
C ASP A 236 12.01 14.34 22.78
N ASP A 237 12.09 14.68 21.49
CA ASP A 237 11.18 15.63 20.79
C ASP A 237 11.40 17.13 21.12
N HIS A 238 12.45 17.43 21.87
CA HIS A 238 12.97 18.78 21.96
C HIS A 238 13.85 18.99 20.74
N PHE A 239 13.95 20.23 20.27
CA PHE A 239 14.84 20.54 19.17
C PHE A 239 16.18 21.04 19.68
N ALA A 240 17.25 20.64 19.00
CA ALA A 240 18.59 21.12 19.35
C ALA A 240 18.71 22.54 18.82
N GLY A 241 18.94 23.46 19.76
CA GLY A 241 19.16 24.85 19.45
C GLY A 241 20.35 25.10 18.58
N LYS A 242 21.39 24.29 18.75
CA LYS A 242 22.57 24.37 17.90
C LYS A 242 23.16 22.96 17.81
N THR A 243 23.61 22.58 16.60
CA THR A 243 24.35 21.34 16.42
C THR A 243 25.54 21.53 15.54
N GLN A 244 26.53 20.69 15.76
CA GLN A 244 27.72 20.62 14.91
C GLN A 244 27.82 19.20 14.48
N ASN A 245 27.81 18.98 13.19
CA ASN A 245 27.77 17.65 12.63
C ASN A 245 29.01 17.45 11.79
N PHE A 246 29.60 16.28 11.95
CA PHE A 246 30.71 15.88 11.12
C PHE A 246 30.51 14.43 10.73
N GLU A 247 30.62 14.15 9.44
CA GLU A 247 30.59 12.79 8.94
C GLU A 247 31.76 12.60 7.98
N ALA A 248 32.19 11.35 7.81
CA ALA A 248 33.32 11.03 6.93
C ALA A 248 33.27 9.58 6.52
N VAL A 249 33.69 9.26 5.31
CA VAL A 249 33.59 7.90 4.78
C VAL A 249 34.75 7.58 3.85
N VAL A 250 35.30 6.38 3.96
CA VAL A 250 36.22 5.90 2.94
C VAL A 250 35.82 4.48 2.57
N GLN A 251 35.87 4.17 1.27
CA GLN A 251 35.50 2.85 0.75
C GLN A 251 36.38 2.55 -0.45
N TYR A 252 36.55 1.27 -0.74
CA TYR A 252 37.32 0.82 -1.87
C TYR A 252 36.55 -0.24 -2.60
N GLN A 253 36.64 -0.23 -3.92
CA GLN A 253 35.90 -1.15 -4.79
C GLN A 253 36.87 -2.09 -5.48
N PHE A 254 36.89 -3.34 -5.04
CA PHE A 254 37.64 -4.38 -5.75
C PHE A 254 36.88 -4.74 -7.03
N ASP A 255 37.62 -5.09 -8.08
CA ASP A 255 37.01 -5.42 -9.38
C ASP A 255 36.07 -6.64 -9.32
N PHE A 256 36.32 -7.53 -8.35
CA PHE A 256 35.59 -8.80 -8.24
C PHE A 256 34.29 -8.72 -7.42
N GLY A 257 33.87 -7.53 -7.01
CA GLY A 257 32.61 -7.36 -6.28
C GLY A 257 32.70 -6.89 -4.86
N LEU A 258 33.85 -7.05 -4.22
CA LEU A 258 33.99 -6.67 -2.79
C LEU A 258 34.16 -5.17 -2.63
N ARG A 259 33.55 -4.62 -1.58
CA ARG A 259 33.59 -3.19 -1.33
C ARG A 259 33.55 -2.91 0.16
N PRO A 260 34.72 -2.95 0.82
CA PRO A 260 34.74 -2.60 2.23
C PRO A 260 34.54 -1.10 2.43
N SER A 261 34.08 -0.72 3.61
CA SER A 261 33.65 0.64 3.94
C SER A 261 34.01 0.97 5.38
N LEU A 262 34.50 2.18 5.59
CA LEU A 262 34.71 2.72 6.94
C LEU A 262 34.04 4.09 7.01
N GLY A 263 33.23 4.29 8.05
CA GLY A 263 32.40 5.49 8.16
C GLY A 263 32.43 6.04 9.56
N TYR A 264 32.40 7.36 9.67
CA TYR A 264 32.37 8.03 10.96
C TYR A 264 31.30 9.09 10.92
N VAL A 265 30.53 9.18 12.00
CA VAL A 265 29.39 10.07 12.08
C VAL A 265 29.25 10.59 13.50
N GLN A 266 29.29 11.92 13.64
CA GLN A 266 29.13 12.58 14.94
C GLN A 266 28.19 13.78 14.83
N THR A 267 27.44 14.03 15.90
CA THR A 267 26.54 15.18 16.00
C THR A 267 26.54 15.69 17.45
N LYS A 268 27.18 16.85 17.66
CA LYS A 268 27.27 17.50 18.99
C LYS A 268 26.16 18.50 19.17
N GLY A 269 25.35 18.33 20.22
CA GLY A 269 24.35 19.32 20.61
C GLY A 269 24.96 20.38 21.49
N LYS A 270 24.63 21.65 21.23
CA LYS A 270 25.08 22.80 22.02
C LYS A 270 23.86 23.50 22.63
N ASN A 271 24.04 24.09 23.83
CA ASN A 271 22.98 24.82 24.56
C ASN A 271 21.65 24.05 24.67
N LEU A 272 21.74 22.76 25.03
CA LEU A 272 20.55 21.91 25.15
C LEU A 272 19.78 22.21 26.45
N GLN A 273 18.46 22.23 26.38
CA GLN A 273 17.62 22.54 27.55
C GLN A 273 17.68 21.41 28.59
N ALA A 274 17.47 21.80 29.85
CA ALA A 274 17.52 20.88 30.97
C ALA A 274 16.19 20.13 31.11
N ARG A 275 16.29 18.84 31.41
CA ARG A 275 15.13 18.02 31.78
C ARG A 275 15.61 16.76 32.51
N GLY A 276 14.81 16.32 33.49
CA GLY A 276 15.11 15.12 34.28
C GLY A 276 16.47 15.18 34.94
N GLY A 277 17.26 14.11 34.79
CA GLY A 277 18.63 14.06 35.28
C GLY A 277 19.59 15.01 34.61
N PHE A 278 19.34 15.36 33.34
CA PHE A 278 20.27 16.22 32.56
C PHE A 278 20.16 17.71 32.93
N GLY A 279 21.14 18.20 33.69
CA GLY A 279 21.18 19.59 34.11
C GLY A 279 21.63 20.52 32.99
N GLY A 280 22.86 20.30 32.52
CA GLY A 280 23.57 21.26 31.65
C GLY A 280 23.03 21.43 30.25
N GLY A 281 23.93 21.74 29.31
CA GLY A 281 23.54 21.99 27.91
C GLY A 281 24.62 21.78 26.86
N ASP A 282 25.33 20.66 26.95
CA ASP A 282 26.30 20.26 25.93
C ASP A 282 26.40 18.72 25.91
N ALA A 283 26.18 18.11 24.75
CA ALA A 283 26.16 16.65 24.67
C ALA A 283 26.21 16.13 23.23
N ASP A 284 26.80 14.95 23.07
CA ASP A 284 26.73 14.23 21.81
C ASP A 284 25.35 13.64 21.67
N LEU A 285 24.78 13.77 20.47
CA LEU A 285 23.49 13.15 20.13
C LEU A 285 23.70 11.86 19.35
N VAL A 286 24.70 11.88 18.47
CA VAL A 286 25.11 10.73 17.68
C VAL A 286 26.63 10.72 17.61
N LYS A 287 27.21 9.54 17.78
CA LYS A 287 28.66 9.34 17.62
C LYS A 287 28.91 7.86 17.41
N TYR A 288 29.33 7.49 16.20
CA TYR A 288 29.57 6.09 15.90
C TYR A 288 30.48 5.87 14.70
N VAL A 289 31.15 4.72 14.73
CA VAL A 289 31.90 4.23 13.59
C VAL A 289 31.16 3.05 12.99
N GLU A 290 31.03 3.05 11.66
CA GLU A 290 30.54 1.91 10.94
C GLU A 290 31.67 1.29 10.16
N LEU A 291 31.90 0.01 10.45
CA LEU A 291 32.78 -0.84 9.67
C LEU A 291 31.86 -1.84 9.01
N GLY A 292 31.91 -1.90 7.68
CA GLY A 292 31.07 -2.83 6.94
C GLY A 292 31.57 -3.08 5.53
N THR A 293 30.93 -4.02 4.84
CA THR A 293 31.34 -4.37 3.48
C THR A 293 30.13 -4.82 2.63
N TRP A 294 30.19 -4.55 1.33
CA TRP A 294 29.28 -5.16 0.36
C TRP A 294 30.03 -6.21 -0.43
N TYR A 295 29.28 -7.21 -0.92
CA TYR A 295 29.77 -8.03 -2.00
C TYR A 295 28.77 -8.02 -3.14
N TYR A 296 29.08 -7.29 -4.19
CA TYR A 296 28.23 -7.23 -5.39
C TYR A 296 28.52 -8.42 -6.33
N PHE A 297 27.55 -9.35 -6.43
CA PHE A 297 27.60 -10.46 -7.40
C PHE A 297 27.43 -9.93 -8.83
N ASN A 298 26.50 -8.99 -8.99
CA ASN A 298 26.35 -8.20 -10.21
C ASN A 298 25.38 -7.06 -9.87
N LYS A 299 25.01 -6.25 -10.87
CA LYS A 299 24.11 -5.11 -10.64
C LYS A 299 22.80 -5.53 -9.92
N ASN A 300 22.32 -6.74 -10.21
CA ASN A 300 21.06 -7.27 -9.70
C ASN A 300 21.09 -7.94 -8.32
N MET A 301 22.25 -8.33 -7.83
CA MET A 301 22.31 -9.13 -6.60
C MET A 301 23.50 -8.72 -5.74
N ASN A 302 23.25 -8.49 -4.45
CA ASN A 302 24.34 -8.28 -3.52
C ASN A 302 24.02 -8.73 -2.10
N VAL A 303 25.08 -8.86 -1.32
CA VAL A 303 25.01 -9.20 0.09
C VAL A 303 25.85 -8.18 0.83
N TYR A 304 25.59 -8.00 2.12
CA TYR A 304 26.36 -7.03 2.89
C TYR A 304 26.29 -7.33 4.37
N ALA A 305 27.23 -6.74 5.10
CA ALA A 305 27.29 -6.89 6.54
C ALA A 305 27.93 -5.63 7.08
N ALA A 306 27.59 -5.26 8.31
CA ALA A 306 28.14 -4.05 8.91
C ALA A 306 28.04 -4.05 10.42
N TYR A 307 28.94 -3.33 11.07
CA TYR A 307 28.97 -3.27 12.51
C TYR A 307 29.10 -1.80 12.93
N LYS A 308 28.21 -1.39 13.84
CA LYS A 308 28.18 -0.03 14.35
C LYS A 308 28.78 -0.01 15.74
N PHE A 309 29.95 0.62 15.88
CA PHE A 309 30.58 0.87 17.17
C PHE A 309 30.01 2.18 17.70
N ASN A 310 29.09 2.07 18.66
CA ASN A 310 28.36 3.22 19.18
C ASN A 310 29.12 3.78 20.36
N GLN A 311 29.69 4.97 20.15
CA GLN A 311 30.60 5.60 21.09
C GLN A 311 29.95 6.58 22.03
N LEU A 312 28.63 6.60 22.09
CA LEU A 312 27.94 7.38 23.09
C LEU A 312 28.03 6.67 24.45
N ASP A 313 28.24 7.47 25.50
CA ASP A 313 28.34 6.98 26.86
C ASP A 313 26.98 6.99 27.52
N ASP A 314 26.81 6.14 28.51
CA ASP A 314 25.69 6.22 29.44
C ASP A 314 25.96 7.41 30.38
N ASN A 315 25.24 8.51 30.19
CA ASN A 315 25.42 9.73 30.99
C ASN A 315 24.10 10.45 31.24
N ALA A 316 24.14 11.58 31.94
CA ALA A 316 22.93 12.35 32.27
C ALA A 316 22.04 12.65 31.05
N TYR A 317 22.65 13.02 29.92
CA TYR A 317 21.89 13.32 28.71
C TYR A 317 21.21 12.09 28.14
N THR A 318 22.01 11.05 27.87
CA THR A 318 21.50 9.84 27.21
C THR A 318 20.35 9.18 27.98
N ARG A 319 20.41 9.25 29.31
CA ARG A 319 19.37 8.70 30.18
C ARG A 319 18.08 9.55 30.10
N ALA A 320 18.23 10.87 30.20
CA ALA A 320 17.08 11.79 30.17
C ALA A 320 16.40 11.82 28.79
N ALA A 321 17.19 11.95 27.74
CA ALA A 321 16.68 11.98 26.37
C ALA A 321 16.32 10.60 25.79
N GLY A 322 16.71 9.52 26.47
CA GLY A 322 16.41 8.18 26.00
C GLY A 322 17.12 7.76 24.72
N VAL A 323 18.38 8.16 24.56
CA VAL A 323 19.18 7.80 23.38
C VAL A 323 19.86 6.46 23.62
N ALA A 324 19.92 5.62 22.59
CA ALA A 324 20.54 4.30 22.68
C ALA A 324 22.05 4.42 22.53
N THR A 325 22.78 3.82 23.47
CA THR A 325 24.24 3.90 23.54
C THR A 325 24.93 2.64 23.01
N ASP A 326 24.14 1.67 22.53
CA ASP A 326 24.61 0.29 22.30
C ASP A 326 25.09 0.04 20.89
N ASP A 327 25.95 -0.96 20.75
CA ASP A 327 26.50 -1.33 19.45
C ASP A 327 25.46 -2.16 18.71
N GLN A 328 25.59 -2.17 17.38
CA GLN A 328 24.69 -2.90 16.53
C GLN A 328 25.43 -3.58 15.41
N ALA A 329 24.73 -4.52 14.78
CA ALA A 329 25.27 -5.25 13.67
C ALA A 329 24.13 -5.54 12.72
N ALA A 330 24.47 -5.72 11.44
CA ALA A 330 23.46 -5.92 10.42
C ALA A 330 24.02 -6.77 9.30
N VAL A 331 23.21 -7.69 8.82
CA VAL A 331 23.53 -8.47 7.65
C VAL A 331 22.33 -8.35 6.72
N GLY A 332 22.54 -8.54 5.43
CA GLY A 332 21.46 -8.53 4.49
C GLY A 332 21.79 -9.04 3.10
N ILE A 333 20.74 -9.42 2.39
CA ILE A 333 20.84 -9.91 1.01
C ILE A 333 19.78 -9.15 0.20
N VAL A 334 20.11 -8.79 -1.05
CA VAL A 334 19.31 -7.86 -1.85
C VAL A 334 19.16 -8.33 -3.28
N TYR A 335 17.93 -8.45 -3.76
CA TYR A 335 17.66 -8.59 -5.20
C TYR A 335 17.23 -7.19 -5.65
N GLN A 336 17.61 -6.79 -6.89
CA GLN A 336 17.64 -5.37 -7.22
C GLN A 336 17.11 -5.50 -8.62
N PHE A 337 16.70 -4.45 -9.27
CA PHE A 337 16.18 -4.52 -10.67
C PHE A 337 15.83 -2.97 -10.73
N ASN B 7 0.18 -15.04 -24.96
CA ASN B 7 -0.44 -15.64 -26.18
C ASN B 7 -1.80 -15.01 -26.52
N GLY B 8 -2.77 -15.21 -25.62
CA GLY B 8 -4.10 -14.62 -25.73
C GLY B 8 -4.40 -13.75 -24.53
N ASN B 9 -3.40 -12.99 -24.09
CA ASN B 9 -3.50 -12.11 -22.92
C ASN B 9 -2.86 -10.74 -23.21
N LYS B 10 -3.38 -9.68 -22.57
CA LYS B 10 -2.86 -8.31 -22.72
C LYS B 10 -2.87 -7.65 -21.36
N LEU B 11 -1.73 -7.05 -20.98
CA LEU B 11 -1.63 -6.27 -19.75
C LEU B 11 -1.16 -4.85 -20.03
N ASP B 12 -1.71 -3.90 -19.30
CA ASP B 12 -1.64 -2.49 -19.62
C ASP B 12 -1.49 -1.71 -18.31
N PHE B 13 -0.29 -1.24 -18.01
CA PHE B 13 -0.08 -0.35 -16.88
C PHE B 13 -0.49 1.05 -17.27
N TYR B 14 -1.25 1.69 -16.39
CA TYR B 14 -1.53 3.12 -16.48
C TYR B 14 -1.35 3.75 -15.10
N GLY B 15 -1.14 5.06 -15.08
CA GLY B 15 -0.96 5.76 -13.82
C GLY B 15 -0.61 7.22 -13.99
N LYS B 16 -0.39 7.90 -12.88
CA LYS B 16 0.05 9.28 -12.92
C LYS B 16 0.67 9.72 -11.60
N MET B 17 1.71 10.54 -11.70
CA MET B 17 2.24 11.30 -10.56
C MET B 17 1.61 12.69 -10.64
N VAL B 18 1.07 13.14 -9.52
CA VAL B 18 0.35 14.40 -9.47
C VAL B 18 0.90 15.26 -8.34
N GLY B 19 1.72 16.24 -8.71
CA GLY B 19 2.21 17.24 -7.77
C GLY B 19 1.17 18.33 -7.71
N GLU B 20 0.59 18.56 -6.54
CA GLU B 20 -0.55 19.44 -6.43
C GLU B 20 -0.58 20.11 -5.06
N HIS B 21 -1.18 21.30 -5.03
CA HIS B 21 -1.24 22.13 -3.85
C HIS B 21 -2.57 22.89 -3.83
N VAL B 22 -3.18 23.00 -2.65
CA VAL B 22 -4.49 23.60 -2.47
C VAL B 22 -4.48 24.65 -1.34
N TRP B 23 -5.07 25.81 -1.62
CA TRP B 23 -5.27 26.85 -0.60
C TRP B 23 -6.74 26.97 -0.25
N THR B 24 -7.00 27.34 1.00
CA THR B 24 -8.28 27.89 1.42
C THR B 24 -8.00 29.38 1.62
N THR B 25 -8.70 30.22 0.85
CA THR B 25 -8.35 31.64 0.70
C THR B 25 -9.16 32.63 1.56
N ASN B 26 -10.38 32.28 1.96
CA ASN B 26 -11.19 33.10 2.88
C ASN B 26 -11.00 32.68 4.33
N GLY B 27 -11.61 33.45 5.23
CA GLY B 27 -11.89 33.07 6.63
C GLY B 27 -10.93 32.12 7.34
N ASP B 28 -11.24 30.81 7.29
CA ASP B 28 -10.39 29.78 7.91
C ASP B 28 -9.28 29.35 6.95
N THR B 29 -8.32 30.26 6.74
CA THR B 29 -7.29 30.08 5.73
C THR B 29 -6.38 28.89 6.06
N SER B 30 -5.86 28.27 5.00
CA SER B 30 -4.97 27.14 5.11
C SER B 30 -4.27 26.93 3.78
N SER B 31 -3.22 26.12 3.81
CA SER B 31 -2.38 25.94 2.62
C SER B 31 -1.72 24.59 2.66
N ASP B 32 -2.26 23.63 1.90
CA ASP B 32 -1.88 22.22 2.03
C ASP B 32 -1.37 21.57 0.74
N ASP B 33 -0.36 20.73 0.90
CA ASP B 33 0.12 19.84 -0.17
C ASP B 33 -0.95 18.77 -0.35
N THR B 34 -1.17 18.34 -1.58
CA THR B 34 -2.07 17.21 -1.86
C THR B 34 -1.49 16.33 -2.99
N THR B 35 -0.18 16.13 -2.95
CA THR B 35 0.50 15.28 -3.90
C THR B 35 0.06 13.81 -3.72
N TYR B 36 -0.06 13.12 -4.84
CA TYR B 36 -0.34 11.69 -4.84
C TYR B 36 0.15 11.06 -6.13
N ALA B 37 0.30 9.74 -6.09
CA ALA B 37 0.56 8.92 -7.26
C ALA B 37 -0.55 7.90 -7.41
N ARG B 38 -0.77 7.47 -8.64
CA ARG B 38 -1.78 6.47 -8.91
C ARG B 38 -1.22 5.51 -9.91
N ILE B 39 -1.47 4.23 -9.71
CA ILE B 39 -1.02 3.21 -10.62
C ILE B 39 -2.21 2.27 -10.76
N GLY B 40 -2.40 1.77 -11.96
CA GLY B 40 -3.45 0.82 -12.23
C GLY B 40 -3.02 -0.17 -13.28
N LEU B 41 -3.83 -1.22 -13.40
CA LEU B 41 -3.58 -2.29 -14.35
C LEU B 41 -4.88 -2.73 -14.99
N LYS B 42 -4.82 -2.95 -16.30
CA LYS B 42 -5.95 -3.42 -17.10
C LYS B 42 -5.57 -4.69 -17.83
N GLY B 43 -6.26 -5.78 -17.50
CA GLY B 43 -5.99 -7.11 -18.05
C GLY B 43 -7.13 -7.66 -18.88
N GLU B 44 -6.82 -8.20 -20.05
CA GLU B 44 -7.83 -8.67 -21.00
C GLU B 44 -7.31 -9.98 -21.58
N THR B 45 -8.05 -11.07 -21.39
CA THR B 45 -7.68 -12.37 -21.97
C THR B 45 -8.70 -12.81 -23.00
N GLN B 46 -8.23 -13.33 -24.13
CA GLN B 46 -9.08 -13.92 -25.14
C GLN B 46 -9.34 -15.38 -24.78
N ILE B 47 -10.58 -15.67 -24.38
CA ILE B 47 -11.02 -17.02 -24.03
C ILE B 47 -11.42 -17.78 -25.30
N ASN B 48 -12.22 -17.16 -26.17
CA ASN B 48 -12.41 -17.69 -27.55
C ASN B 48 -12.81 -16.56 -28.49
N ASP B 49 -13.27 -16.88 -29.69
CA ASP B 49 -13.75 -15.86 -30.65
C ASP B 49 -14.92 -15.02 -30.11
N GLN B 50 -15.83 -15.67 -29.39
CA GLN B 50 -17.03 -15.01 -28.83
C GLN B 50 -16.85 -14.33 -27.45
N LEU B 51 -15.80 -14.67 -26.68
CA LEU B 51 -15.74 -14.38 -25.24
C LEU B 51 -14.37 -13.89 -24.76
N ILE B 52 -14.39 -12.79 -24.00
CA ILE B 52 -13.20 -12.15 -23.43
C ILE B 52 -13.35 -12.08 -21.91
N GLY B 53 -12.25 -12.34 -21.19
CA GLY B 53 -12.19 -12.17 -19.74
C GLY B 53 -11.31 -10.99 -19.42
N TYR B 54 -11.67 -10.20 -18.41
CA TYR B 54 -10.90 -9.02 -18.05
C TYR B 54 -10.87 -8.74 -16.56
N GLY B 55 -9.87 -7.97 -16.16
CA GLY B 55 -9.74 -7.50 -14.79
C GLY B 55 -9.19 -6.09 -14.77
N GLN B 56 -9.55 -5.33 -13.76
CA GLN B 56 -8.93 -4.04 -13.52
C GLN B 56 -8.68 -3.81 -12.06
N TRP B 57 -7.54 -3.21 -11.76
CA TRP B 57 -7.22 -2.72 -10.42
C TRP B 57 -6.64 -1.29 -10.53
N GLU B 58 -6.94 -0.45 -9.54
CA GLU B 58 -6.44 0.91 -9.49
C GLU B 58 -6.14 1.29 -8.05
N TYR B 59 -4.88 1.69 -7.83
CA TYR B 59 -4.33 1.94 -6.52
C TYR B 59 -3.85 3.39 -6.43
N ASN B 60 -4.31 4.11 -5.41
CA ASN B 60 -3.93 5.49 -5.15
C ASN B 60 -2.98 5.55 -3.95
N MET B 61 -1.97 6.42 -4.02
CA MET B 61 -0.96 6.52 -2.95
C MET B 61 -0.76 7.99 -2.56
N ASP B 62 -1.27 8.34 -1.38
CA ASP B 62 -1.04 9.65 -0.80
C ASP B 62 0.45 9.83 -0.61
N ALA B 63 0.95 10.98 -1.05
CA ALA B 63 2.34 11.35 -0.84
C ALA B 63 2.38 12.64 -0.05
N SER B 64 1.33 12.87 0.72
CA SER B 64 0.97 14.20 1.22
C SER B 64 1.25 14.33 2.70
N ASN B 65 1.01 13.26 3.45
CA ASN B 65 1.39 13.18 4.85
C ASN B 65 2.83 12.71 4.96
N VAL B 66 3.32 12.76 6.19
CA VAL B 66 4.62 12.23 6.55
C VAL B 66 4.67 10.73 6.34
N GLU B 67 5.88 10.19 6.18
CA GLU B 67 6.02 8.75 5.92
C GLU B 67 5.39 7.76 6.88
N GLY B 68 5.29 8.07 8.16
CA GLY B 68 4.46 7.28 9.05
C GLY B 68 3.00 7.07 8.66
N SER B 69 2.37 8.09 8.04
CA SER B 69 0.91 8.27 8.07
C SER B 69 0.18 8.44 6.72
N GLN B 70 0.80 8.07 5.60
CA GLN B 70 0.18 8.24 4.27
C GLN B 70 -0.85 7.14 3.98
N THR B 71 -2.12 7.48 3.73
CA THR B 71 -3.07 6.39 3.38
C THR B 71 -2.89 5.99 1.93
N THR B 72 -3.06 4.71 1.64
CA THR B 72 -3.28 4.22 0.27
C THR B 72 -4.73 3.79 0.12
N LYS B 73 -5.24 3.76 -1.10
CA LYS B 73 -6.63 3.37 -1.40
C LYS B 73 -6.68 2.49 -2.64
N THR B 74 -7.38 1.37 -2.57
CA THR B 74 -7.71 0.63 -3.77
C THR B 74 -9.06 1.19 -4.22
N ARG B 75 -9.03 1.93 -5.33
CA ARG B 75 -10.21 2.60 -5.84
C ARG B 75 -11.08 1.66 -6.68
N LEU B 76 -10.44 0.89 -7.55
CA LEU B 76 -11.10 -0.11 -8.38
C LEU B 76 -10.45 -1.47 -8.23
N ALA B 77 -11.27 -2.50 -8.26
CA ALA B 77 -10.79 -3.88 -8.30
C ALA B 77 -11.95 -4.77 -8.74
N PHE B 78 -11.91 -5.22 -9.99
CA PHE B 78 -12.96 -6.09 -10.50
C PHE B 78 -12.47 -7.00 -11.61
N ALA B 79 -13.29 -8.00 -11.89
CA ALA B 79 -13.05 -8.98 -12.92
C ALA B 79 -14.38 -9.31 -13.54
N GLY B 80 -14.35 -9.60 -14.84
CA GLY B 80 -15.57 -9.81 -15.58
C GLY B 80 -15.39 -10.57 -16.86
N LEU B 81 -16.51 -10.99 -17.42
CA LEU B 81 -16.57 -11.56 -18.76
C LEU B 81 -17.26 -10.56 -19.69
N LYS B 82 -16.98 -10.70 -20.96
CA LYS B 82 -17.41 -9.77 -22.01
C LYS B 82 -17.65 -10.63 -23.25
N ALA B 83 -18.86 -10.58 -23.82
CA ALA B 83 -19.24 -11.51 -24.90
C ALA B 83 -19.90 -10.81 -26.07
N GLY B 84 -19.11 -10.03 -26.81
CA GLY B 84 -19.58 -9.26 -27.97
C GLY B 84 -20.78 -8.38 -27.65
N GLU B 85 -21.85 -8.57 -28.42
CA GLU B 85 -23.08 -7.80 -28.27
C GLU B 85 -23.98 -8.33 -27.16
N TYR B 86 -23.73 -9.54 -26.66
CA TYR B 86 -24.41 -10.04 -25.44
C TYR B 86 -24.09 -9.18 -24.20
N GLY B 87 -23.02 -8.40 -24.26
CA GLY B 87 -22.68 -7.42 -23.23
C GLY B 87 -21.56 -7.93 -22.36
N SER B 88 -21.34 -7.24 -21.24
CA SER B 88 -20.33 -7.62 -20.26
C SER B 88 -20.94 -7.75 -18.89
N PHE B 89 -20.20 -8.41 -18.00
CA PHE B 89 -20.58 -8.55 -16.60
C PHE B 89 -19.32 -8.55 -15.77
N ASP B 90 -19.23 -7.68 -14.78
CA ASP B 90 -18.10 -7.62 -13.86
C ASP B 90 -18.60 -7.63 -12.45
N TYR B 91 -17.70 -7.97 -11.53
CA TYR B 91 -17.97 -7.85 -10.11
C TYR B 91 -16.75 -7.35 -9.34
N GLY B 92 -17.00 -6.50 -8.33
CA GLY B 92 -16.00 -6.13 -7.35
C GLY B 92 -16.19 -4.74 -6.80
N ARG B 93 -15.10 -3.98 -6.71
CA ARG B 93 -15.19 -2.57 -6.37
C ARG B 93 -15.16 -1.78 -7.67
N ASN B 94 -16.29 -1.16 -8.02
CA ASN B 94 -16.41 -0.41 -9.28
C ASN B 94 -17.25 0.87 -9.05
N TYR B 95 -17.27 1.72 -10.08
CA TYR B 95 -18.19 2.85 -10.12
C TYR B 95 -19.62 2.33 -10.15
N GLY B 96 -20.48 2.92 -9.33
CA GLY B 96 -21.90 2.66 -9.42
C GLY B 96 -22.47 3.15 -10.75
N ALA B 97 -23.51 2.49 -11.23
CA ALA B 97 -24.01 2.70 -12.60
C ALA B 97 -24.61 4.09 -12.79
N ILE B 98 -25.24 4.64 -11.75
CA ILE B 98 -25.83 5.99 -11.84
C ILE B 98 -24.76 7.08 -11.95
N TYR B 99 -23.51 6.75 -11.63
CA TYR B 99 -22.40 7.63 -11.91
C TYR B 99 -22.20 7.86 -13.42
N ASP B 100 -22.63 6.94 -14.29
CA ASP B 100 -22.57 7.17 -15.77
C ASP B 100 -23.24 8.48 -16.18
N VAL B 101 -24.34 8.79 -15.52
CA VAL B 101 -25.05 10.06 -15.70
C VAL B 101 -24.13 11.25 -15.32
N GLU B 102 -23.53 11.15 -14.15
CA GLU B 102 -22.64 12.18 -13.63
C GLU B 102 -21.33 12.37 -14.38
N SER B 103 -20.78 11.33 -15.01
CA SER B 103 -19.45 11.42 -15.61
C SER B 103 -19.32 12.56 -16.65
N ALA B 104 -20.40 12.89 -17.36
CA ALA B 104 -20.49 14.06 -18.25
C ALA B 104 -20.03 15.33 -17.56
N THR B 105 -20.57 15.58 -16.37
CA THR B 105 -20.35 16.83 -15.62
C THR B 105 -19.23 16.78 -14.55
N ASP B 106 -18.61 15.61 -14.40
CA ASP B 106 -17.42 15.45 -13.55
C ASP B 106 -16.15 15.49 -14.42
N MET B 107 -15.97 16.63 -15.08
CA MET B 107 -14.89 16.85 -16.03
C MET B 107 -14.17 18.14 -15.66
N LEU B 108 -14.22 18.51 -14.38
CA LEU B 108 -13.62 19.74 -13.90
C LEU B 108 -12.14 19.54 -13.56
N VAL B 109 -11.46 20.65 -13.31
CA VAL B 109 -10.02 20.65 -13.11
C VAL B 109 -9.69 20.01 -11.76
N GLU B 110 -10.22 20.58 -10.68
CA GLU B 110 -9.90 20.14 -9.31
C GLU B 110 -11.09 19.60 -8.53
N TRP B 111 -12.22 20.30 -8.59
CA TRP B 111 -13.45 19.92 -7.90
C TRP B 111 -14.37 19.19 -8.91
N GLY B 112 -15.68 19.10 -8.66
CA GLY B 112 -16.61 18.38 -9.53
C GLY B 112 -17.12 17.10 -8.88
N GLY B 113 -18.40 16.78 -9.06
CA GLY B 113 -19.03 15.65 -8.37
C GLY B 113 -18.82 15.65 -6.85
N ASP B 114 -18.89 16.83 -6.22
CA ASP B 114 -18.81 16.96 -4.75
C ASP B 114 -20.20 16.71 -4.20
N GLY B 115 -21.16 17.50 -4.67
CA GLY B 115 -22.54 17.34 -4.26
C GLY B 115 -23.09 16.09 -4.88
N TRP B 116 -23.90 15.35 -4.11
CA TRP B 116 -24.63 14.15 -4.55
C TRP B 116 -23.76 12.85 -4.69
N ASN B 117 -22.55 12.95 -5.25
CA ASN B 117 -21.64 11.79 -5.40
C ASN B 117 -20.54 11.71 -4.34
N TYR B 118 -20.63 10.69 -3.49
CA TYR B 118 -19.61 10.41 -2.51
C TYR B 118 -19.11 8.98 -2.70
N THR B 119 -17.86 8.76 -2.34
CA THR B 119 -17.27 7.45 -2.42
C THR B 119 -17.77 6.67 -1.24
N ASP B 120 -18.13 5.40 -1.49
CA ASP B 120 -18.75 4.51 -0.52
C ASP B 120 -20.03 5.12 -0.01
N ASN B 121 -20.90 5.48 -0.96
CA ASN B 121 -22.20 6.04 -0.64
C ASN B 121 -23.19 5.43 -1.60
N PHE B 122 -23.73 4.30 -1.18
CA PHE B 122 -24.63 3.50 -2.00
C PHE B 122 -24.02 3.28 -3.41
N MET B 123 -24.56 3.87 -4.48
CA MET B 123 -24.01 3.66 -5.84
C MET B 123 -23.74 4.96 -6.57
N THR B 124 -23.56 6.04 -5.80
CA THR B 124 -23.34 7.39 -6.33
C THR B 124 -21.90 7.59 -6.83
N GLY B 125 -20.95 6.84 -6.25
CA GLY B 125 -19.58 6.79 -6.75
C GLY B 125 -19.02 5.39 -6.69
N ARG B 126 -17.71 5.30 -6.52
CA ARG B 126 -17.03 4.03 -6.30
C ARG B 126 -17.50 3.37 -5.00
N THR B 127 -17.78 2.07 -5.07
CA THR B 127 -18.33 1.32 -3.93
C THR B 127 -17.96 -0.16 -3.99
N ASN B 128 -18.18 -0.81 -2.85
CA ASN B 128 -17.92 -2.25 -2.70
C ASN B 128 -19.07 -3.13 -3.07
N GLY B 129 -18.72 -4.31 -3.59
CA GLY B 129 -19.67 -5.37 -3.85
C GLY B 129 -20.71 -5.05 -4.90
N VAL B 130 -20.26 -4.63 -6.09
CA VAL B 130 -21.18 -4.34 -7.18
C VAL B 130 -20.98 -5.30 -8.32
N ALA B 131 -22.07 -6.00 -8.63
CA ALA B 131 -22.21 -6.78 -9.83
C ALA B 131 -22.85 -5.87 -10.84
N THR B 132 -22.22 -5.73 -12.00
CA THR B 132 -22.64 -4.76 -13.01
C THR B 132 -22.78 -5.47 -14.34
N TYR B 133 -23.90 -5.31 -15.02
CA TYR B 133 -24.05 -5.76 -16.40
C TYR B 133 -24.06 -4.54 -17.30
N ARG B 134 -23.27 -4.56 -18.36
CA ARG B 134 -23.24 -3.50 -19.36
C ARG B 134 -23.47 -4.03 -20.75
N ASN B 135 -23.89 -3.13 -21.62
CA ASN B 135 -24.15 -3.46 -23.00
C ASN B 135 -24.15 -2.17 -23.78
N SER B 136 -23.23 -2.02 -24.73
CA SER B 136 -23.23 -0.89 -25.65
C SER B 136 -23.89 -1.32 -26.97
N ASP B 137 -24.53 -0.37 -27.63
CA ASP B 137 -25.27 -0.59 -28.88
C ASP B 137 -26.44 -1.59 -28.76
N PHE B 138 -27.09 -1.58 -27.59
CA PHE B 138 -28.35 -2.31 -27.29
C PHE B 138 -28.54 -3.66 -27.98
N PHE B 139 -27.62 -4.57 -27.68
CA PHE B 139 -27.60 -5.93 -28.25
C PHE B 139 -27.36 -5.90 -29.78
N GLY B 140 -26.58 -4.93 -30.26
CA GLY B 140 -26.36 -4.73 -31.69
C GLY B 140 -27.46 -4.05 -32.49
N LEU B 141 -28.57 -3.74 -31.84
CA LEU B 141 -29.80 -3.26 -32.50
C LEU B 141 -29.87 -1.73 -32.69
N VAL B 142 -29.30 -0.96 -31.74
CA VAL B 142 -29.43 0.50 -31.74
C VAL B 142 -28.06 1.15 -31.53
N ASP B 143 -27.47 1.69 -32.60
CA ASP B 143 -26.11 2.26 -32.52
C ASP B 143 -26.07 3.45 -31.58
N GLY B 144 -25.11 3.44 -30.65
CA GLY B 144 -24.94 4.51 -29.68
C GLY B 144 -25.77 4.46 -28.41
N LEU B 145 -26.72 3.52 -28.31
CA LEU B 145 -27.49 3.34 -27.07
C LEU B 145 -26.83 2.29 -26.21
N SER B 146 -26.28 2.73 -25.08
CA SER B 146 -25.68 1.83 -24.10
C SER B 146 -26.50 1.86 -22.83
N PHE B 147 -26.37 0.80 -22.03
CA PHE B 147 -26.97 0.78 -20.70
C PHE B 147 -26.18 -0.05 -19.71
N ALA B 148 -26.56 0.12 -18.44
CA ALA B 148 -25.91 -0.51 -17.33
C ALA B 148 -26.97 -0.90 -16.31
N LEU B 149 -26.95 -2.15 -15.87
CA LEU B 149 -27.77 -2.59 -14.76
C LEU B 149 -26.81 -3.06 -13.71
N GLN B 150 -27.16 -2.86 -12.44
CA GLN B 150 -26.20 -3.12 -11.38
C GLN B 150 -26.85 -3.42 -10.04
N TYR B 151 -26.35 -4.42 -9.33
CA TYR B 151 -26.85 -4.81 -8.02
C TYR B 151 -25.71 -4.61 -7.02
N GLN B 152 -26.07 -4.21 -5.81
CA GLN B 152 -25.14 -4.06 -4.72
C GLN B 152 -25.65 -4.78 -3.49
N GLY B 153 -24.83 -5.64 -2.91
CA GLY B 153 -25.14 -6.30 -1.65
C GLY B 153 -24.93 -5.35 -0.48
N LYS B 154 -25.44 -5.75 0.69
CA LYS B 154 -25.41 -4.87 1.85
C LYS B 154 -24.02 -4.77 2.46
N ASN B 155 -23.67 -3.56 2.90
CA ASN B 155 -22.46 -3.28 3.68
C ASN B 155 -22.88 -2.57 4.95
N ASP B 156 -22.90 -3.32 6.06
CA ASP B 156 -23.82 -3.06 7.16
C ASP B 156 -23.19 -3.06 8.57
N HIS B 157 -21.89 -3.37 8.72
CA HIS B 157 -21.36 -3.61 10.08
C HIS B 157 -20.03 -2.93 10.43
N ASP B 158 -19.02 -3.04 9.57
CA ASP B 158 -17.67 -2.57 9.93
C ASP B 158 -17.32 -1.25 9.23
N ARG B 159 -18.27 -0.31 9.34
CA ARG B 159 -18.15 1.02 8.74
C ARG B 159 -18.90 2.01 9.60
N SER B 160 -18.62 3.29 9.37
CA SER B 160 -19.46 4.37 9.88
C SER B 160 -20.82 4.28 9.21
N ILE B 161 -21.85 4.76 9.92
CA ILE B 161 -23.22 4.77 9.41
C ILE B 161 -23.28 5.57 8.10
N ARG B 162 -22.47 6.62 8.02
CA ARG B 162 -22.34 7.47 6.81
C ARG B 162 -22.08 6.68 5.52
N LYS B 163 -21.30 5.61 5.62
CA LYS B 163 -20.83 4.84 4.47
C LYS B 163 -21.51 3.49 4.29
N GLN B 164 -22.55 3.20 5.07
CA GLN B 164 -23.29 1.94 4.93
C GLN B 164 -24.33 1.95 3.81
N ASN B 165 -24.74 0.75 3.42
CA ASN B 165 -25.84 0.57 2.46
C ASN B 165 -26.50 -0.78 2.69
N GLY B 166 -27.80 -0.84 2.38
CA GLY B 166 -28.48 -2.12 2.31
C GLY B 166 -28.34 -2.68 0.91
N ASP B 167 -29.05 -3.77 0.68
CA ASP B 167 -29.17 -4.34 -0.65
C ASP B 167 -29.79 -3.28 -1.55
N GLY B 168 -29.40 -3.25 -2.81
CA GLY B 168 -29.91 -2.27 -3.74
C GLY B 168 -29.51 -2.50 -5.18
N PHE B 169 -30.09 -1.70 -6.06
CA PHE B 169 -29.77 -1.74 -7.47
C PHE B 169 -29.76 -0.35 -8.10
N SER B 170 -29.24 -0.29 -9.32
CA SER B 170 -28.96 0.96 -9.98
C SER B 170 -28.87 0.67 -11.47
N THR B 171 -29.34 1.62 -12.28
CA THR B 171 -29.37 1.45 -13.72
C THR B 171 -29.20 2.79 -14.43
N ALA B 172 -28.54 2.74 -15.58
CA ALA B 172 -28.25 3.94 -16.36
C ALA B 172 -28.32 3.58 -17.82
N ALA B 173 -28.80 4.53 -18.63
CA ALA B 173 -28.79 4.39 -20.09
C ALA B 173 -28.20 5.66 -20.63
N THR B 174 -27.52 5.55 -21.78
CA THR B 174 -26.95 6.71 -22.46
C THR B 174 -27.18 6.53 -23.95
N TYR B 175 -27.85 7.51 -24.56
CA TYR B 175 -27.92 7.57 -26.01
C TYR B 175 -26.93 8.63 -26.51
N ALA B 176 -26.08 8.23 -27.47
CA ALA B 176 -25.07 9.11 -28.05
C ALA B 176 -25.24 9.24 -29.55
N PHE B 177 -25.51 10.46 -30.01
CA PHE B 177 -25.72 10.76 -31.43
C PHE B 177 -24.38 11.00 -32.13
N ASP B 178 -24.34 10.72 -33.42
CA ASP B 178 -23.09 10.80 -34.21
C ASP B 178 -22.51 12.23 -34.32
N ASN B 179 -23.37 13.25 -34.26
CA ASN B 179 -22.94 14.65 -34.37
C ASN B 179 -22.14 15.22 -33.18
N GLY B 180 -22.28 14.62 -31.99
CA GLY B 180 -21.56 15.07 -30.80
C GLY B 180 -22.39 15.19 -29.53
N ILE B 181 -23.71 15.20 -29.64
CA ILE B 181 -24.59 15.19 -28.46
C ILE B 181 -24.64 13.79 -27.83
N ALA B 182 -24.86 13.74 -26.52
CA ALA B 182 -25.23 12.51 -25.82
C ALA B 182 -26.20 12.81 -24.68
N LEU B 183 -27.32 12.11 -24.68
CA LEU B 183 -28.27 12.16 -23.57
C LEU B 183 -28.03 10.97 -22.68
N SER B 184 -28.44 11.09 -21.42
CA SER B 184 -28.15 10.06 -20.45
C SER B 184 -29.03 10.20 -19.23
N ALA B 185 -29.49 9.08 -18.71
CA ALA B 185 -30.46 9.06 -17.63
C ALA B 185 -30.27 7.80 -16.81
N GLY B 186 -30.55 7.89 -15.51
CA GLY B 186 -30.34 6.75 -14.61
C GLY B 186 -31.04 6.85 -13.28
N TYR B 187 -31.28 5.71 -12.66
CA TYR B 187 -32.07 5.59 -11.43
C TYR B 187 -31.50 4.53 -10.50
N ALA B 188 -31.69 4.70 -9.20
CA ALA B 188 -31.20 3.76 -8.18
C ALA B 188 -32.16 3.69 -6.99
N ASN B 189 -32.36 2.48 -6.46
CA ASN B 189 -33.20 2.20 -5.28
C ASN B 189 -32.42 1.26 -4.41
N SER B 190 -32.32 1.55 -3.11
CA SER B 190 -31.56 0.72 -2.17
C SER B 190 -32.30 0.64 -0.84
N ASN B 191 -32.15 -0.49 -0.15
CA ASN B 191 -32.51 -0.57 1.26
C ASN B 191 -31.45 0.19 2.01
N ARG B 192 -31.84 0.80 3.12
CA ARG B 192 -30.90 1.40 4.04
C ARG B 192 -30.52 0.34 5.08
N SER B 193 -29.43 0.57 5.81
CA SER B 193 -28.97 -0.37 6.83
C SER B 193 -29.77 -0.21 8.10
N VAL B 194 -29.80 -1.27 8.93
CA VAL B 194 -30.53 -1.23 10.20
C VAL B 194 -30.05 -0.05 11.05
N ASP B 195 -28.74 0.23 10.96
CA ASP B 195 -28.13 1.37 11.68
C ASP B 195 -28.61 2.71 11.14
N GLN B 196 -28.72 2.84 9.82
CA GLN B 196 -29.24 4.06 9.17
C GLN B 196 -30.69 4.35 9.52
N LYS B 197 -31.52 3.32 9.56
CA LYS B 197 -32.96 3.45 9.84
C LYS B 197 -33.31 4.01 11.22
N ARG B 198 -32.37 4.01 12.16
CA ARG B 198 -32.60 4.60 13.49
C ARG B 198 -32.93 6.10 13.46
N ASP B 199 -32.50 6.81 12.40
CA ASP B 199 -32.89 8.21 12.25
C ASP B 199 -34.41 8.49 12.15
N GLY B 200 -35.19 7.48 11.72
CA GLY B 200 -36.62 7.63 11.49
C GLY B 200 -36.95 8.29 10.17
N ASN B 201 -35.96 8.40 9.27
CA ASN B 201 -36.12 9.13 8.01
C ASN B 201 -36.77 8.28 6.94
N GLY B 202 -36.83 6.97 7.13
CA GLY B 202 -37.40 6.05 6.14
C GLY B 202 -36.47 4.89 5.89
N ASP B 203 -37.00 3.83 5.31
CA ASP B 203 -36.28 2.55 5.18
C ASP B 203 -35.59 2.40 3.83
N LYS B 204 -35.87 3.31 2.89
CA LYS B 204 -35.35 3.22 1.52
C LYS B 204 -34.59 4.47 1.15
N ALA B 205 -33.72 4.32 0.15
CA ALA B 205 -32.86 5.38 -0.35
C ALA B 205 -32.93 5.31 -1.86
N GLU B 206 -33.21 6.44 -2.50
CA GLU B 206 -33.37 6.47 -3.94
C GLU B 206 -32.78 7.73 -4.54
N ALA B 207 -32.44 7.63 -5.81
CA ALA B 207 -32.07 8.78 -6.61
C ALA B 207 -32.40 8.56 -8.06
N TRP B 208 -32.61 9.64 -8.79
CA TRP B 208 -32.62 9.60 -10.24
C TRP B 208 -31.86 10.79 -10.77
N ALA B 209 -31.35 10.64 -11.98
CA ALA B 209 -30.46 11.60 -12.56
C ALA B 209 -30.63 11.62 -14.07
N THR B 210 -30.46 12.79 -14.64
CA THR B 210 -30.53 13.01 -16.07
C THR B 210 -29.34 13.88 -16.46
N SER B 211 -28.79 13.66 -17.65
CA SER B 211 -27.70 14.49 -18.17
C SER B 211 -27.71 14.58 -19.69
N ALA B 212 -27.14 15.67 -20.17
CA ALA B 212 -26.87 15.86 -21.59
C ALA B 212 -25.47 16.43 -21.71
N LYS B 213 -24.77 16.09 -22.79
CA LYS B 213 -23.49 16.70 -23.10
C LYS B 213 -23.33 16.92 -24.57
N TYR B 214 -22.58 17.96 -24.92
CA TYR B 214 -22.14 18.24 -26.27
C TYR B 214 -20.62 18.15 -26.26
N ASP B 215 -20.04 17.47 -27.26
CA ASP B 215 -18.60 17.24 -27.31
C ASP B 215 -18.12 17.14 -28.75
N ALA B 216 -17.90 18.29 -29.38
CA ALA B 216 -17.40 18.38 -30.75
C ALA B 216 -16.82 19.77 -31.05
N ASN B 217 -15.88 19.82 -31.99
CA ASN B 217 -15.27 21.08 -32.47
C ASN B 217 -14.58 21.87 -31.36
N ASN B 218 -13.79 21.14 -30.58
CA ASN B 218 -13.02 21.69 -29.45
C ASN B 218 -13.88 22.24 -28.30
N ILE B 219 -15.19 22.03 -28.32
CA ILE B 219 -16.10 22.55 -27.31
C ILE B 219 -16.55 21.38 -26.46
N TYR B 220 -16.71 21.62 -25.17
CA TYR B 220 -17.28 20.63 -24.27
C TYR B 220 -18.27 21.34 -23.39
N ALA B 221 -19.53 20.98 -23.50
CA ALA B 221 -20.53 21.48 -22.59
C ALA B 221 -21.30 20.29 -22.03
N ALA B 222 -21.68 20.36 -20.77
CA ALA B 222 -22.50 19.32 -20.16
C ALA B 222 -23.37 19.92 -19.09
N VAL B 223 -24.56 19.34 -18.94
CA VAL B 223 -25.47 19.74 -17.90
C VAL B 223 -26.05 18.48 -17.28
N MET B 224 -26.47 18.57 -16.02
CA MET B 224 -26.89 17.42 -15.25
C MET B 224 -27.85 17.83 -14.15
N TYR B 225 -28.99 17.14 -14.02
CA TYR B 225 -29.93 17.36 -12.93
C TYR B 225 -30.26 16.04 -12.26
N SER B 226 -30.32 16.04 -10.93
CA SER B 226 -30.80 14.89 -10.16
C SER B 226 -31.49 15.25 -8.87
N GLN B 227 -32.15 14.25 -8.32
CA GLN B 227 -32.74 14.30 -7.00
C GLN B 227 -32.43 13.01 -6.28
N THR B 228 -32.13 13.11 -4.98
CA THR B 228 -31.87 11.95 -4.14
C THR B 228 -32.78 12.01 -2.93
N TYR B 229 -33.03 10.86 -2.31
CA TYR B 229 -33.92 10.75 -1.18
C TYR B 229 -33.28 9.79 -0.19
N ASN B 230 -33.02 10.26 1.03
CA ASN B 230 -32.30 9.50 2.08
C ASN B 230 -30.95 8.87 1.67
N MET B 231 -30.31 9.45 0.63
CA MET B 231 -29.09 8.90 0.02
C MET B 231 -27.84 9.73 0.33
N THR B 232 -28.00 11.05 0.22
CA THR B 232 -26.90 12.01 0.28
C THR B 232 -26.54 12.43 1.71
N PRO B 233 -25.31 12.12 2.17
CA PRO B 233 -24.89 12.50 3.52
C PRO B 233 -24.46 13.97 3.65
N GLU B 234 -24.92 14.61 4.72
CA GLU B 234 -24.49 15.95 5.06
C GLU B 234 -23.20 15.82 5.86
N GLU B 235 -22.46 16.92 5.93
CA GLU B 235 -21.26 17.04 6.75
C GLU B 235 -21.51 16.67 8.22
N ASP B 236 -22.76 16.80 8.66
CA ASP B 236 -23.19 16.45 10.01
C ASP B 236 -23.28 14.94 10.28
N ASP B 237 -23.25 14.12 9.22
CA ASP B 237 -23.58 12.67 9.24
C ASP B 237 -25.10 12.34 9.35
N HIS B 238 -25.95 13.36 9.28
CA HIS B 238 -27.35 13.17 9.00
C HIS B 238 -27.48 13.02 7.49
N PHE B 239 -28.49 12.27 7.06
CA PHE B 239 -28.75 12.14 5.62
C PHE B 239 -29.81 13.13 5.19
N ALA B 240 -29.64 13.68 4.00
CA ALA B 240 -30.62 14.61 3.42
C ALA B 240 -31.79 13.79 2.93
N GLY B 241 -32.95 14.07 3.52
CA GLY B 241 -34.19 13.41 3.17
C GLY B 241 -34.58 13.63 1.72
N LYS B 242 -34.28 14.79 1.19
CA LYS B 242 -34.50 15.08 -0.22
C LYS B 242 -33.41 16.07 -0.67
N THR B 243 -32.88 15.88 -1.87
CA THR B 243 -31.97 16.84 -2.48
C THR B 243 -32.30 17.09 -3.91
N GLN B 244 -31.94 18.27 -4.37
CA GLN B 244 -32.05 18.65 -5.77
C GLN B 244 -30.68 19.11 -6.16
N ASN B 245 -30.11 18.47 -7.16
CA ASN B 245 -28.76 18.70 -7.56
C ASN B 245 -28.77 19.19 -8.98
N PHE B 246 -27.94 20.19 -9.23
CA PHE B 246 -27.72 20.67 -10.57
C PHE B 246 -26.24 20.94 -10.74
N GLU B 247 -25.67 20.42 -11.82
CA GLU B 247 -24.30 20.70 -12.20
C GLU B 247 -24.26 21.10 -13.67
N ALA B 248 -23.24 21.85 -14.06
CA ALA B 248 -23.10 22.29 -15.46
C ALA B 248 -21.65 22.67 -15.72
N VAL B 249 -21.19 22.44 -16.94
CA VAL B 249 -19.79 22.68 -17.29
C VAL B 249 -19.66 23.13 -18.73
N VAL B 250 -18.81 24.12 -18.98
CA VAL B 250 -18.41 24.41 -20.35
C VAL B 250 -16.89 24.57 -20.38
N GLN B 251 -16.27 24.03 -21.43
CA GLN B 251 -14.81 24.08 -21.62
C GLN B 251 -14.53 24.20 -23.10
N TYR B 252 -13.38 24.76 -23.43
CA TYR B 252 -12.96 24.90 -24.81
C TYR B 252 -11.50 24.52 -24.90
N GLN B 253 -11.14 23.86 -26.00
CA GLN B 253 -9.78 23.36 -26.22
C GLN B 253 -9.12 24.15 -27.35
N PHE B 254 -8.19 25.02 -26.99
CA PHE B 254 -7.39 25.73 -27.96
C PHE B 254 -6.35 24.77 -28.55
N ASP B 255 -6.01 25.01 -29.81
CA ASP B 255 -5.01 24.22 -30.53
C ASP B 255 -3.63 24.24 -29.87
N PHE B 256 -3.33 25.27 -29.08
CA PHE B 256 -2.00 25.49 -28.49
C PHE B 256 -1.74 24.68 -27.18
N GLY B 257 -2.74 23.93 -26.69
CA GLY B 257 -2.64 23.23 -25.42
C GLY B 257 -3.51 23.78 -24.29
N LEU B 258 -3.94 25.03 -24.38
CA LEU B 258 -4.74 25.64 -23.31
C LEU B 258 -6.20 25.16 -23.37
N ARG B 259 -6.80 24.96 -22.20
CA ARG B 259 -8.16 24.47 -22.09
C ARG B 259 -8.83 25.07 -20.87
N PRO B 260 -9.40 26.27 -21.02
CA PRO B 260 -10.16 26.84 -19.92
C PRO B 260 -11.45 26.10 -19.66
N SER B 261 -11.95 26.21 -18.43
CA SER B 261 -13.11 25.48 -17.94
C SER B 261 -13.92 26.36 -17.01
N LEU B 262 -15.23 26.30 -17.17
CA LEU B 262 -16.15 26.93 -16.24
C LEU B 262 -17.16 25.89 -15.78
N GLY B 263 -17.33 25.79 -14.46
CA GLY B 263 -18.14 24.74 -13.86
C GLY B 263 -19.02 25.29 -12.76
N TYR B 264 -20.24 24.77 -12.68
CA TYR B 264 -21.20 25.18 -11.67
C TYR B 264 -21.79 23.94 -11.05
N VAL B 265 -21.91 23.97 -9.73
CA VAL B 265 -22.31 22.78 -8.96
C VAL B 265 -23.11 23.24 -7.76
N GLN B 266 -24.36 22.77 -7.68
CA GLN B 266 -25.26 23.11 -6.58
C GLN B 266 -26.03 21.87 -6.09
N THR B 267 -26.30 21.84 -4.79
CA THR B 267 -27.05 20.77 -4.16
C THR B 267 -27.92 21.37 -3.03
N LYS B 268 -29.24 21.46 -3.27
CA LYS B 268 -30.21 21.98 -2.29
C LYS B 268 -30.79 20.85 -1.46
N GLY B 269 -30.66 20.95 -0.14
CA GLY B 269 -31.34 20.03 0.78
C GLY B 269 -32.75 20.51 1.06
N LYS B 270 -33.70 19.58 1.06
CA LYS B 270 -35.11 19.85 1.35
C LYS B 270 -35.51 19.04 2.62
N ASN B 271 -36.42 19.60 3.41
CA ASN B 271 -36.94 18.97 4.65
C ASN B 271 -35.84 18.44 5.60
N LEU B 272 -34.82 19.26 5.83
CA LEU B 272 -33.70 18.90 6.69
C LEU B 272 -34.08 18.96 8.16
N GLN B 273 -33.60 17.98 8.93
CA GLN B 273 -33.88 17.89 10.38
C GLN B 273 -33.24 19.04 11.14
N ALA B 274 -33.88 19.44 12.24
CA ALA B 274 -33.40 20.54 13.07
C ALA B 274 -32.33 20.02 14.03
N ARG B 275 -31.28 20.83 14.21
CA ARG B 275 -30.26 20.61 15.24
C ARG B 275 -29.49 21.89 15.50
N GLY B 276 -29.04 22.08 16.73
CA GLY B 276 -28.23 23.25 17.11
C GLY B 276 -28.93 24.57 16.80
N GLY B 277 -28.22 25.48 16.15
CA GLY B 277 -28.81 26.75 15.70
C GLY B 277 -29.86 26.62 14.61
N PHE B 278 -29.76 25.58 13.78
CA PHE B 278 -30.63 25.40 12.61
C PHE B 278 -32.01 24.88 12.94
N GLY B 279 -33.00 25.78 12.92
CA GLY B 279 -34.39 25.43 13.20
C GLY B 279 -35.05 24.72 12.04
N GLY B 280 -35.12 25.40 10.89
CA GLY B 280 -35.95 24.99 9.76
C GLY B 280 -35.55 23.73 9.01
N GLY B 281 -35.85 23.68 7.71
CA GLY B 281 -35.55 22.51 6.88
C GLY B 281 -35.40 22.75 5.39
N ASP B 282 -34.67 23.78 5.00
CA ASP B 282 -34.36 24.05 3.59
C ASP B 282 -33.02 24.79 3.50
N ALA B 283 -32.07 24.25 2.76
CA ALA B 283 -30.70 24.81 2.75
C ALA B 283 -29.84 24.22 1.64
N ASP B 284 -28.92 25.04 1.15
CA ASP B 284 -27.90 24.59 0.21
C ASP B 284 -26.87 23.80 1.01
N LEU B 285 -26.45 22.67 0.46
CA LEU B 285 -25.37 21.84 1.01
C LEU B 285 -24.06 22.10 0.29
N VAL B 286 -24.14 22.27 -1.03
CA VAL B 286 -23.03 22.60 -1.90
C VAL B 286 -23.49 23.64 -2.91
N LYS B 287 -22.67 24.65 -3.14
CA LYS B 287 -22.93 25.67 -4.17
C LYS B 287 -21.62 26.36 -4.48
N TYR B 288 -21.08 26.13 -5.67
CA TYR B 288 -19.83 26.75 -6.04
C TYR B 288 -19.61 26.81 -7.54
N VAL B 289 -18.82 27.80 -7.93
CA VAL B 289 -18.33 27.94 -9.27
C VAL B 289 -16.85 27.61 -9.27
N GLU B 290 -16.44 26.79 -10.24
CA GLU B 290 -15.04 26.56 -10.51
C GLU B 290 -14.68 27.23 -11.82
N LEU B 291 -13.71 28.12 -11.73
CA LEU B 291 -13.04 28.68 -12.87
C LEU B 291 -11.64 28.14 -12.84
N GLY B 292 -11.23 27.47 -13.90
CA GLY B 292 -9.90 26.87 -13.98
C GLY B 292 -9.47 26.57 -15.40
N THR B 293 -8.22 26.17 -15.55
CA THR B 293 -7.67 25.88 -16.87
C THR B 293 -6.62 24.76 -16.81
N TRP B 294 -6.52 23.98 -17.89
CA TRP B 294 -5.38 23.10 -18.10
C TRP B 294 -4.47 23.67 -19.17
N TYR B 295 -3.20 23.33 -19.11
CA TYR B 295 -2.31 23.49 -20.23
C TYR B 295 -1.68 22.14 -20.58
N TYR B 296 -2.15 21.52 -21.66
CA TYR B 296 -1.62 20.22 -22.09
C TYR B 296 -0.36 20.38 -22.95
N PHE B 297 0.79 19.95 -22.43
CA PHE B 297 2.04 19.88 -23.21
C PHE B 297 1.96 18.74 -24.24
N ASN B 298 1.44 17.62 -23.81
CA ASN B 298 1.06 16.50 -24.70
C ASN B 298 0.22 15.52 -23.86
N LYS B 299 -0.14 14.39 -24.45
CA LYS B 299 -0.93 13.36 -23.76
C LYS B 299 -0.37 12.99 -22.38
N ASN B 300 0.95 12.98 -22.25
CA ASN B 300 1.65 12.53 -21.03
C ASN B 300 1.87 13.59 -19.94
N MET B 301 1.78 14.87 -20.28
CA MET B 301 2.20 15.92 -19.33
C MET B 301 1.26 17.11 -19.41
N ASN B 302 0.79 17.55 -18.25
CA ASN B 302 0.05 18.81 -18.19
C ASN B 302 0.20 19.53 -16.86
N VAL B 303 -0.19 20.79 -16.87
CA VAL B 303 -0.24 21.63 -15.69
C VAL B 303 -1.64 22.22 -15.63
N TYR B 304 -2.07 22.64 -14.45
CA TYR B 304 -3.39 23.21 -14.32
C TYR B 304 -3.50 24.10 -13.10
N ALA B 305 -4.54 24.91 -13.10
CA ALA B 305 -4.84 25.79 -11.98
C ALA B 305 -6.33 25.99 -11.95
N ALA B 306 -6.87 26.25 -10.77
CA ALA B 306 -8.32 26.44 -10.63
C ALA B 306 -8.68 27.20 -9.38
N TYR B 307 -9.82 27.89 -9.42
CA TYR B 307 -10.31 28.65 -8.29
C TYR B 307 -11.77 28.31 -8.04
N LYS B 308 -12.09 27.99 -6.80
CA LYS B 308 -13.44 27.62 -6.38
C LYS B 308 -14.04 28.82 -5.65
N PHE B 309 -15.05 29.45 -6.27
CA PHE B 309 -15.86 30.49 -5.63
C PHE B 309 -16.97 29.77 -4.87
N ASN B 310 -16.85 29.70 -3.55
CA ASN B 310 -17.79 28.99 -2.70
C ASN B 310 -18.89 29.96 -2.30
N GLN B 311 -20.07 29.71 -2.84
CA GLN B 311 -21.20 30.61 -2.74
C GLN B 311 -22.16 30.28 -1.62
N LEU B 312 -21.77 29.38 -0.72
CA LEU B 312 -22.55 29.13 0.46
C LEU B 312 -22.34 30.29 1.45
N ASP B 313 -23.43 30.66 2.11
CA ASP B 313 -23.44 31.74 3.09
C ASP B 313 -23.18 31.18 4.47
N ASP B 314 -22.63 32.00 5.35
CA ASP B 314 -22.59 31.70 6.77
C ASP B 314 -24.00 31.93 7.32
N ASN B 315 -24.71 30.85 7.62
CA ASN B 315 -26.10 30.92 8.11
C ASN B 315 -26.38 29.84 9.14
N ALA B 316 -27.61 29.76 9.64
CA ALA B 316 -27.98 28.77 10.67
C ALA B 316 -27.58 27.34 10.32
N TYR B 317 -27.79 26.94 9.06
CA TYR B 317 -27.46 25.59 8.61
C TYR B 317 -25.96 25.35 8.61
N THR B 318 -25.23 26.19 7.90
CA THR B 318 -23.77 25.99 7.74
C THR B 318 -23.01 25.94 9.08
N ARG B 319 -23.48 26.72 10.05
CA ARG B 319 -22.90 26.73 11.39
C ARG B 319 -23.21 25.43 12.15
N ALA B 320 -24.47 24.99 12.12
CA ALA B 320 -24.90 23.79 12.81
C ALA B 320 -24.32 22.51 12.20
N ALA B 321 -24.39 22.41 10.89
CA ALA B 321 -23.86 21.24 10.16
C ALA B 321 -22.34 21.28 9.95
N GLY B 322 -21.69 22.40 10.25
CA GLY B 322 -20.24 22.52 10.10
C GLY B 322 -19.74 22.45 8.66
N VAL B 323 -20.47 23.07 7.73
CA VAL B 323 -20.09 23.10 6.31
C VAL B 323 -19.16 24.29 6.09
N ALA B 324 -18.14 24.10 5.25
CA ALA B 324 -17.17 25.16 4.95
C ALA B 324 -17.74 26.05 3.86
N THR B 325 -17.73 27.36 4.13
CA THR B 325 -18.25 28.38 3.24
C THR B 325 -17.15 29.09 2.42
N ASP B 326 -15.90 28.64 2.56
CA ASP B 326 -14.72 29.37 2.12
C ASP B 326 -14.26 28.98 0.72
N ASP B 327 -13.61 29.92 0.06
CA ASP B 327 -13.14 29.76 -1.29
C ASP B 327 -11.83 28.97 -1.24
N GLN B 328 -11.50 28.34 -2.35
CA GLN B 328 -10.27 27.58 -2.49
C GLN B 328 -9.62 27.81 -3.83
N ALA B 329 -8.37 27.41 -3.89
CA ALA B 329 -7.58 27.52 -5.10
C ALA B 329 -6.65 26.31 -5.16
N ALA B 330 -6.25 25.95 -6.37
CA ALA B 330 -5.45 24.76 -6.57
C ALA B 330 -4.58 24.92 -7.79
N VAL B 331 -3.33 24.48 -7.67
CA VAL B 331 -2.41 24.42 -8.81
C VAL B 331 -1.86 23.01 -8.82
N GLY B 332 -1.43 22.53 -9.97
CA GLY B 332 -0.83 21.22 -10.06
C GLY B 332 -0.12 20.90 -11.36
N ILE B 333 0.76 19.92 -11.30
CA ILE B 333 1.48 19.41 -12.46
C ILE B 333 1.35 17.87 -12.45
N VAL B 334 1.24 17.27 -13.63
CA VAL B 334 0.87 15.86 -13.78
C VAL B 334 1.71 15.15 -14.82
N TYR B 335 2.36 14.07 -14.45
CA TYR B 335 2.92 13.12 -15.42
C TYR B 335 1.91 11.98 -15.49
N GLN B 336 1.71 11.40 -16.66
CA GLN B 336 0.52 10.58 -16.97
C GLN B 336 0.97 9.53 -17.96
N PHE B 337 0.44 8.31 -17.88
CA PHE B 337 0.83 7.20 -18.77
C PHE B 337 -0.29 6.20 -18.55
N ASN C 7 21.65 -8.73 -20.26
CA ASN C 7 20.43 -9.56 -20.07
C ASN C 7 20.74 -10.98 -19.61
N GLY C 8 21.17 -11.07 -18.34
CA GLY C 8 21.15 -12.34 -17.56
C GLY C 8 20.21 -12.18 -16.35
N ASN C 9 19.07 -11.54 -16.59
CA ASN C 9 18.04 -11.28 -15.61
C ASN C 9 16.64 -11.62 -16.21
N LYS C 10 15.72 -12.03 -15.34
CA LYS C 10 14.34 -12.31 -15.71
C LYS C 10 13.44 -11.71 -14.64
N LEU C 11 12.46 -10.92 -15.06
CA LEU C 11 11.44 -10.36 -14.18
C LEU C 11 10.06 -10.75 -14.67
N ASP C 12 9.20 -11.05 -13.71
CA ASP C 12 7.96 -11.76 -13.96
C ASP C 12 6.91 -11.15 -13.06
N PHE C 13 6.02 -10.32 -13.63
CA PHE C 13 4.85 -9.84 -12.89
C PHE C 13 3.82 -10.93 -12.90
N TYR C 14 3.27 -11.21 -11.73
CA TYR C 14 2.11 -12.07 -11.59
C TYR C 14 1.12 -11.38 -10.66
N GLY C 15 -0.14 -11.76 -10.78
CA GLY C 15 -1.15 -11.19 -9.95
C GLY C 15 -2.54 -11.65 -10.32
N LYS C 16 -3.52 -11.15 -9.57
CA LYS C 16 -4.89 -11.47 -9.86
C LYS C 16 -5.82 -10.47 -9.23
N MET C 17 -6.90 -10.15 -9.99
CA MET C 17 -8.06 -9.46 -9.45
C MET C 17 -9.08 -10.54 -9.10
N VAL C 18 -9.59 -10.47 -7.88
CA VAL C 18 -10.50 -11.50 -7.37
C VAL C 18 -11.76 -10.83 -6.86
N GLY C 19 -12.82 -10.92 -7.66
CA GLY C 19 -14.14 -10.44 -7.24
C GLY C 19 -14.79 -11.60 -6.53
N GLU C 20 -15.11 -11.42 -5.27
CA GLU C 20 -15.55 -12.53 -4.44
C GLU C 20 -16.51 -12.04 -3.36
N HIS C 21 -17.40 -12.95 -2.95
CA HIS C 21 -18.45 -12.64 -2.02
C HIS C 21 -18.73 -13.86 -1.16
N VAL C 22 -18.96 -13.64 0.14
CA VAL C 22 -19.14 -14.72 1.10
C VAL C 22 -20.41 -14.50 1.95
N TRP C 23 -21.21 -15.55 2.10
CA TRP C 23 -22.37 -15.53 3.00
C TRP C 23 -22.13 -16.40 4.21
N THR C 24 -22.75 -16.02 5.32
CA THR C 24 -23.00 -16.93 6.44
C THR C 24 -24.48 -17.22 6.37
N THR C 25 -24.81 -18.50 6.20
CA THR C 25 -26.18 -18.94 5.85
C THR C 25 -27.07 -19.42 7.01
N ASN C 26 -26.48 -19.89 8.11
CA ASN C 26 -27.23 -20.29 9.33
C ASN C 26 -27.31 -19.16 10.33
N GLY C 27 -28.07 -19.39 11.40
CA GLY C 27 -28.02 -18.62 12.66
C GLY C 27 -27.69 -17.14 12.60
N ASP C 28 -26.40 -16.82 12.80
CA ASP C 28 -25.91 -15.42 12.73
C ASP C 28 -25.57 -15.04 11.30
N THR C 29 -26.62 -14.86 10.49
CA THR C 29 -26.48 -14.64 9.05
C THR C 29 -25.78 -13.33 8.76
N SER C 30 -25.07 -13.31 7.64
CA SER C 30 -24.34 -12.13 7.19
C SER C 30 -23.97 -12.31 5.72
N SER C 31 -23.55 -11.23 5.09
CA SER C 31 -23.32 -11.25 3.66
C SER C 31 -22.30 -10.20 3.28
N ASP C 32 -21.06 -10.62 3.05
CA ASP C 32 -19.94 -9.68 2.92
C ASP C 32 -19.14 -9.81 1.62
N ASP C 33 -18.74 -8.66 1.08
CA ASP C 33 -17.81 -8.57 -0.03
C ASP C 33 -16.44 -8.98 0.50
N THR C 34 -15.65 -9.66 -0.31
CA THR C 34 -14.25 -9.97 0.06
C THR C 34 -13.34 -9.84 -1.18
N THR C 35 -13.61 -8.82 -1.98
CA THR C 35 -12.81 -8.53 -3.17
C THR C 35 -11.40 -8.11 -2.75
N TYR C 36 -10.43 -8.55 -3.55
CA TYR C 36 -9.06 -8.12 -3.38
C TYR C 36 -8.31 -8.25 -4.70
N ALA C 37 -7.19 -7.54 -4.76
CA ALA C 37 -6.21 -7.67 -5.83
C ALA C 37 -4.89 -8.10 -5.23
N ARG C 38 -4.11 -8.79 -6.05
CA ARG C 38 -2.78 -9.21 -5.62
C ARG C 38 -1.84 -9.01 -6.76
N ILE C 39 -0.69 -8.48 -6.45
CA ILE C 39 0.34 -8.28 -7.45
C ILE C 39 1.63 -8.78 -6.80
N GLY C 40 2.46 -9.42 -7.60
CA GLY C 40 3.72 -9.92 -7.13
C GLY C 40 4.75 -9.83 -8.23
N LEU C 41 5.99 -10.02 -7.81
CA LEU C 41 7.14 -9.93 -8.71
C LEU C 41 8.13 -11.03 -8.38
N LYS C 42 8.64 -11.69 -9.42
CA LYS C 42 9.60 -12.79 -9.27
C LYS C 42 10.84 -12.48 -10.11
N GLY C 43 11.97 -12.38 -9.45
CA GLY C 43 13.22 -11.99 -10.10
C GLY C 43 14.29 -13.05 -9.98
N GLU C 44 14.95 -13.38 -11.10
CA GLU C 44 15.96 -14.42 -11.14
C GLU C 44 17.09 -13.89 -12.00
N THR C 45 18.30 -13.78 -11.44
CA THR C 45 19.48 -13.32 -12.20
C THR C 45 20.52 -14.44 -12.28
N GLN C 46 21.10 -14.61 -13.47
CA GLN C 46 22.21 -15.55 -13.66
C GLN C 46 23.51 -14.82 -13.28
N ILE C 47 24.10 -15.23 -12.15
CA ILE C 47 25.36 -14.68 -11.68
C ILE C 47 26.53 -15.38 -12.38
N ASN C 48 26.52 -16.71 -12.46
CA ASN C 48 27.45 -17.44 -13.35
C ASN C 48 26.89 -18.80 -13.71
N ASP C 49 27.70 -19.69 -14.29
CA ASP C 49 27.26 -21.07 -14.60
C ASP C 49 26.79 -21.86 -13.37
N GLN C 50 27.47 -21.67 -12.24
CA GLN C 50 27.18 -22.39 -10.98
C GLN C 50 26.10 -21.73 -10.08
N LEU C 51 25.81 -20.43 -10.27
CA LEU C 51 25.10 -19.65 -9.24
C LEU C 51 24.02 -18.72 -9.80
N ILE C 52 22.84 -18.74 -9.18
CA ILE C 52 21.68 -17.91 -9.55
C ILE C 52 21.24 -17.11 -8.31
N GLY C 53 20.88 -15.85 -8.53
CA GLY C 53 20.33 -14.99 -7.47
C GLY C 53 18.87 -14.73 -7.77
N TYR C 54 18.05 -14.67 -6.72
CA TYR C 54 16.61 -14.45 -6.93
C TYR C 54 15.97 -13.66 -5.81
N GLY C 55 14.82 -13.07 -6.13
CA GLY C 55 14.02 -12.34 -5.16
C GLY C 55 12.55 -12.46 -5.47
N GLN C 56 11.72 -12.43 -4.43
CA GLN C 56 10.28 -12.42 -4.63
C GLN C 56 9.60 -11.49 -3.67
N TRP C 57 8.60 -10.78 -4.17
CA TRP C 57 7.71 -9.95 -3.35
C TRP C 57 6.25 -10.21 -3.79
N GLU C 58 5.32 -10.17 -2.84
CA GLU C 58 3.92 -10.39 -3.10
C GLU C 58 3.09 -9.49 -2.20
N TYR C 59 2.25 -8.68 -2.84
CA TYR C 59 1.52 -7.59 -2.21
C TYR C 59 0.02 -7.81 -2.43
N ASN C 60 -0.74 -7.83 -1.33
CA ASN C 60 -2.17 -8.02 -1.37
C ASN C 60 -2.88 -6.71 -1.05
N MET C 61 -3.98 -6.43 -1.76
CA MET C 61 -4.72 -5.18 -1.56
C MET C 61 -6.21 -5.47 -1.39
N ASP C 62 -6.67 -5.32 -0.15
CA ASP C 62 -8.07 -5.37 0.18
C ASP C 62 -8.78 -4.31 -0.64
N ALA C 63 -9.89 -4.72 -1.28
CA ALA C 63 -10.73 -3.81 -2.01
C ALA C 63 -12.12 -3.88 -1.42
N SER C 64 -12.18 -4.25 -0.15
CA SER C 64 -13.39 -4.78 0.47
C SER C 64 -14.01 -3.78 1.43
N ASN C 65 -13.16 -3.06 2.16
CA ASN C 65 -13.59 -1.95 2.99
C ASN C 65 -13.64 -0.67 2.16
N VAL C 66 -14.18 0.37 2.81
CA VAL C 66 -14.24 1.69 2.23
C VAL C 66 -12.83 2.25 2.01
N GLU C 67 -12.73 3.20 1.07
CA GLU C 67 -11.48 3.82 0.75
C GLU C 67 -11.20 4.65 1.97
N GLY C 68 -10.04 4.44 2.53
CA GLY C 68 -9.75 4.95 3.89
C GLY C 68 -9.46 3.88 4.92
N SER C 69 -10.14 2.72 4.82
CA SER C 69 -9.88 1.61 5.76
C SER C 69 -9.43 0.26 5.15
N GLN C 70 -9.00 0.23 3.89
CA GLN C 70 -8.56 -1.00 3.24
C GLN C 70 -7.14 -1.40 3.66
N THR C 71 -6.94 -2.58 4.25
CA THR C 71 -5.62 -3.05 4.60
C THR C 71 -4.85 -3.48 3.36
N THR C 72 -3.56 -3.20 3.31
CA THR C 72 -2.65 -3.89 2.39
C THR C 72 -1.75 -4.83 3.21
N LYS C 73 -1.24 -5.87 2.57
CA LYS C 73 -0.37 -6.84 3.22
C LYS C 73 0.78 -7.18 2.28
N THR C 74 2.01 -7.16 2.78
CA THR C 74 3.10 -7.78 2.07
C THR C 74 3.16 -9.21 2.58
N ARG C 75 2.77 -10.15 1.74
CA ARG C 75 2.68 -11.55 2.12
C ARG C 75 4.05 -12.25 2.03
N LEU C 76 4.78 -11.99 0.94
CA LEU C 76 6.11 -12.52 0.74
C LEU C 76 7.07 -11.39 0.42
N ALA C 77 8.30 -11.52 0.94
CA ALA C 77 9.40 -10.65 0.57
C ALA C 77 10.70 -11.35 0.97
N PHE C 78 11.43 -11.86 -0.02
CA PHE C 78 12.71 -12.51 0.26
C PHE C 78 13.66 -12.45 -0.92
N ALA C 79 14.91 -12.75 -0.63
CA ALA C 79 15.97 -12.84 -1.62
C ALA C 79 16.86 -13.99 -1.24
N GLY C 80 17.44 -14.63 -2.25
CA GLY C 80 18.27 -15.79 -1.99
C GLY C 80 19.23 -16.10 -3.10
N LEU C 81 20.15 -17.00 -2.80
CA LEU C 81 21.03 -17.61 -3.78
C LEU C 81 20.61 -19.05 -4.01
N LYS C 82 21.01 -19.57 -5.16
CA LYS C 82 20.65 -20.90 -5.64
C LYS C 82 21.86 -21.42 -6.40
N ALA C 83 22.38 -22.58 -6.00
CA ALA C 83 23.66 -23.08 -6.55
C ALA C 83 23.61 -24.56 -6.98
N GLY C 84 22.87 -24.81 -8.06
CA GLY C 84 22.70 -26.15 -8.60
C GLY C 84 22.19 -27.16 -7.59
N GLU C 85 22.93 -28.27 -7.45
CA GLU C 85 22.55 -29.33 -6.52
C GLU C 85 23.00 -29.06 -5.09
N TYR C 86 23.86 -28.07 -4.87
CA TYR C 86 24.14 -27.57 -3.50
C TYR C 86 22.89 -26.99 -2.81
N GLY C 87 21.87 -26.63 -3.59
CA GLY C 87 20.58 -26.21 -3.06
C GLY C 87 20.43 -24.71 -3.14
N SER C 88 19.41 -24.19 -2.45
CA SER C 88 19.16 -22.76 -2.40
C SER C 88 19.06 -22.30 -0.96
N PHE C 89 19.17 -20.98 -0.78
CA PHE C 89 19.04 -20.36 0.51
C PHE C 89 18.42 -18.99 0.33
N ASP C 90 17.33 -18.73 1.04
CA ASP C 90 16.66 -17.44 0.99
C ASP C 90 16.45 -16.94 2.38
N TYR C 91 16.22 -15.64 2.48
CA TYR C 91 15.85 -15.03 3.75
C TYR C 91 14.80 -13.94 3.58
N GLY C 92 13.86 -13.87 4.52
CA GLY C 92 12.92 -12.77 4.63
C GLY C 92 11.56 -13.18 5.18
N ARG C 93 10.49 -12.70 4.55
CA ARG C 93 9.16 -13.14 4.88
C ARG C 93 8.76 -14.22 3.89
N ASN C 94 8.65 -15.47 4.35
CA ASN C 94 8.35 -16.61 3.48
C ASN C 94 7.42 -17.60 4.19
N TYR C 95 6.92 -18.57 3.41
CA TYR C 95 6.21 -19.71 3.97
C TYR C 95 7.16 -20.50 4.86
N GLY C 96 6.68 -20.88 6.02
CA GLY C 96 7.37 -21.80 6.88
C GLY C 96 7.48 -23.17 6.23
N ALA C 97 8.55 -23.90 6.54
CA ALA C 97 8.90 -25.13 5.84
C ALA C 97 7.87 -26.25 6.07
N ILE C 98 7.30 -26.32 7.28
CA ILE C 98 6.31 -27.37 7.59
C ILE C 98 5.00 -27.15 6.81
N TYR C 99 4.79 -25.96 6.26
CA TYR C 99 3.70 -25.73 5.34
C TYR C 99 3.82 -26.59 4.05
N ASP C 100 5.03 -27.01 3.66
CA ASP C 100 5.20 -27.94 2.50
C ASP C 100 4.36 -29.20 2.63
N VAL C 101 4.24 -29.70 3.86
CA VAL C 101 3.37 -30.83 4.18
C VAL C 101 1.91 -30.50 3.87
N GLU C 102 1.48 -29.34 4.37
CA GLU C 102 0.10 -28.87 4.21
C GLU C 102 -0.30 -28.50 2.78
N SER C 103 0.64 -28.06 1.95
CA SER C 103 0.27 -27.53 0.61
C SER C 103 -0.54 -28.52 -0.25
N ALA C 104 -0.28 -29.82 -0.10
CA ALA C 104 -1.08 -30.90 -0.72
C ALA C 104 -2.57 -30.73 -0.46
N THR C 105 -2.94 -30.51 0.80
CA THR C 105 -4.34 -30.46 1.24
C THR C 105 -4.94 -29.03 1.33
N ASP C 106 -4.13 -28.01 1.05
CA ASP C 106 -4.61 -26.64 0.91
C ASP C 106 -4.83 -26.29 -0.58
N MET C 107 -5.73 -27.06 -1.19
CA MET C 107 -6.04 -26.98 -2.61
C MET C 107 -7.55 -26.86 -2.76
N LEU C 108 -8.21 -26.30 -1.75
CA LEU C 108 -9.65 -26.14 -1.78
C LEU C 108 -10.04 -24.81 -2.48
N VAL C 109 -11.33 -24.65 -2.73
CA VAL C 109 -11.84 -23.53 -3.51
C VAL C 109 -11.73 -22.24 -2.69
N GLU C 110 -12.40 -22.22 -1.53
CA GLU C 110 -12.46 -21.01 -0.70
C GLU C 110 -11.79 -21.15 0.67
N TRP C 111 -12.05 -22.26 1.34
CA TRP C 111 -11.48 -22.55 2.67
C TRP C 111 -10.27 -23.48 2.48
N GLY C 112 -9.82 -24.17 3.53
CA GLY C 112 -8.61 -25.01 3.47
C GLY C 112 -7.47 -24.40 4.27
N GLY C 113 -6.69 -25.23 4.95
CA GLY C 113 -5.64 -24.76 5.87
C GLY C 113 -6.11 -23.71 6.87
N ASP C 114 -7.32 -23.91 7.42
CA ASP C 114 -7.87 -23.06 8.48
C ASP C 114 -7.30 -23.54 9.79
N GLY C 115 -7.57 -24.81 10.10
CA GLY C 115 -7.11 -25.42 11.33
C GLY C 115 -5.63 -25.64 11.18
N TRP C 116 -4.89 -25.45 12.28
CA TRP C 116 -3.43 -25.69 12.38
C TRP C 116 -2.50 -24.64 11.70
N ASN C 117 -2.85 -24.18 10.48
CA ASN C 117 -2.04 -23.16 9.78
C ASN C 117 -2.59 -21.75 9.83
N TYR C 118 -1.85 -20.88 10.53
CA TYR C 118 -2.20 -19.48 10.65
C TYR C 118 -1.03 -18.63 10.20
N THR C 119 -1.32 -17.45 9.69
CA THR C 119 -0.30 -16.53 9.26
C THR C 119 0.23 -15.86 10.50
N ASP C 120 1.56 -15.72 10.54
CA ASP C 120 2.31 -15.20 11.69
C ASP C 120 2.04 -16.05 12.90
N ASN C 121 2.24 -17.35 12.72
CA ASN C 121 2.08 -18.31 13.79
C ASN C 121 3.23 -19.27 13.67
N PHE C 122 4.31 -18.93 14.35
CA PHE C 122 5.56 -19.67 14.29
C PHE C 122 5.95 -19.99 12.82
N MET C 123 5.87 -21.24 12.35
CA MET C 123 6.24 -21.58 10.96
C MET C 123 5.17 -22.40 10.25
N THR C 124 3.92 -22.27 10.73
CA THR C 124 2.77 -23.00 10.18
C THR C 124 2.25 -22.40 8.86
N GLY C 125 2.47 -21.09 8.69
CA GLY C 125 2.20 -20.40 7.43
C GLY C 125 3.26 -19.36 7.15
N ARG C 126 2.86 -18.31 6.44
CA ARG C 126 3.74 -17.17 6.17
C ARG C 126 4.17 -16.47 7.46
N THR C 127 5.46 -16.19 7.60
CA THR C 127 6.01 -15.55 8.80
C THR C 127 7.24 -14.71 8.53
N ASN C 128 7.61 -13.90 9.52
CA ASN C 128 8.79 -13.03 9.45
C ASN C 128 10.07 -13.68 9.92
N GLY C 129 11.15 -13.26 9.28
CA GLY C 129 12.51 -13.58 9.68
C GLY C 129 12.83 -15.05 9.54
N VAL C 130 12.62 -15.62 8.36
CA VAL C 130 12.93 -17.03 8.12
C VAL C 130 14.05 -17.15 7.12
N ALA C 131 15.12 -17.79 7.57
CA ALA C 131 16.19 -18.26 6.73
C ALA C 131 15.82 -19.67 6.38
N THR C 132 15.78 -19.99 5.09
CA THR C 132 15.29 -21.28 4.62
C THR C 132 16.32 -21.85 3.68
N TYR C 133 16.70 -23.10 3.91
CA TYR C 133 17.56 -23.83 2.95
C TYR C 133 16.70 -24.88 2.28
N ARG C 134 16.77 -24.94 0.95
CA ARG C 134 16.08 -25.96 0.17
C ARG C 134 17.03 -26.72 -0.72
N ASN C 135 16.59 -27.90 -1.12
CA ASN C 135 17.36 -28.76 -1.97
C ASN C 135 16.41 -29.77 -2.56
N SER C 136 16.27 -29.78 -3.88
CA SER C 136 15.51 -30.82 -4.57
C SER C 136 16.48 -31.88 -5.10
N ASP C 137 15.99 -33.12 -5.15
CA ASP C 137 16.79 -34.29 -5.59
C ASP C 137 18.00 -34.59 -4.70
N PHE C 138 17.85 -34.30 -3.39
CA PHE C 138 18.80 -34.65 -2.31
C PHE C 138 20.28 -34.64 -2.68
N PHE C 139 20.76 -33.46 -3.07
CA PHE C 139 22.16 -33.23 -3.50
C PHE C 139 22.51 -34.01 -4.77
N GLY C 140 21.53 -34.20 -5.66
CA GLY C 140 21.70 -35.01 -6.87
C GLY C 140 21.66 -36.53 -6.70
N LEU C 141 21.51 -37.01 -5.46
CA LEU C 141 21.63 -38.43 -5.12
C LEU C 141 20.31 -39.23 -5.22
N VAL C 142 19.17 -38.59 -4.93
CA VAL C 142 17.87 -39.27 -4.87
C VAL C 142 16.82 -38.51 -5.67
N ASP C 143 16.48 -38.98 -6.87
CA ASP C 143 15.52 -38.26 -7.72
C ASP C 143 14.14 -38.19 -7.07
N GLY C 144 13.57 -36.98 -7.04
CA GLY C 144 12.24 -36.77 -6.47
C GLY C 144 12.18 -36.47 -4.99
N LEU C 145 13.28 -36.65 -4.27
CA LEU C 145 13.32 -36.35 -2.83
C LEU C 145 13.83 -34.93 -2.63
N SER C 146 12.96 -34.05 -2.17
CA SER C 146 13.33 -32.68 -1.82
C SER C 146 13.20 -32.49 -0.34
N PHE C 147 13.91 -31.50 0.18
CA PHE C 147 13.74 -31.10 1.57
C PHE C 147 13.96 -29.61 1.80
N ALA C 148 13.55 -29.20 3.00
CA ALA C 148 13.63 -27.82 3.43
C ALA C 148 14.03 -27.81 4.89
N LEU C 149 15.07 -27.06 5.20
CA LEU C 149 15.44 -26.79 6.58
C LEU C 149 15.28 -25.31 6.76
N GLN C 150 14.87 -24.89 7.94
CA GLN C 150 14.53 -23.49 8.15
C GLN C 150 14.66 -23.03 9.59
N TYR C 151 15.24 -21.85 9.78
CA TYR C 151 15.42 -21.26 11.10
C TYR C 151 14.62 -19.98 11.15
N GLN C 152 14.06 -19.69 12.31
CA GLN C 152 13.33 -18.46 12.55
C GLN C 152 13.82 -17.81 13.81
N GLY C 153 14.19 -16.54 13.71
CA GLY C 153 14.56 -15.73 14.87
C GLY C 153 13.32 -15.29 15.63
N LYS C 154 13.53 -14.79 16.84
CA LYS C 154 12.42 -14.46 17.72
C LYS C 154 11.71 -13.18 17.30
N ASN C 155 10.37 -13.19 17.41
CA ASN C 155 9.53 -12.01 17.24
C ASN C 155 8.68 -11.86 18.49
N ASP C 156 9.09 -10.98 19.38
CA ASP C 156 8.72 -11.08 20.78
C ASP C 156 8.27 -9.78 21.47
N HIS C 157 8.11 -8.68 20.73
CA HIS C 157 7.79 -7.38 21.33
C HIS C 157 6.67 -6.57 20.68
N ASP C 158 6.68 -6.41 19.35
CA ASP C 158 5.78 -5.41 18.74
C ASP C 158 4.53 -6.05 18.08
N ARG C 159 3.93 -7.00 18.80
CA ARG C 159 2.85 -7.83 18.31
C ARG C 159 2.00 -8.28 19.47
N SER C 160 0.80 -8.74 19.14
CA SER C 160 -0.03 -9.48 20.08
C SER C 160 0.67 -10.79 20.44
N ILE C 161 0.39 -11.28 21.65
CA ILE C 161 0.93 -12.54 22.14
C ILE C 161 0.60 -13.68 21.17
N ARG C 162 -0.61 -13.61 20.59
CA ARG C 162 -1.09 -14.58 19.59
C ARG C 162 -0.13 -14.82 18.42
N LYS C 163 0.56 -13.76 18.00
CA LYS C 163 1.42 -13.81 16.82
C LYS C 163 2.93 -13.82 17.10
N GLN C 164 3.30 -13.97 18.37
CA GLN C 164 4.72 -14.04 18.75
C GLN C 164 5.35 -15.41 18.56
N ASN C 165 6.68 -15.44 18.54
CA ASN C 165 7.47 -16.67 18.54
C ASN C 165 8.83 -16.42 19.13
N GLY C 166 9.40 -17.45 19.74
CA GLY C 166 10.80 -17.44 20.11
C GLY C 166 11.63 -17.92 18.94
N ASP C 167 12.92 -18.10 19.20
CA ASP C 167 13.81 -18.74 18.25
C ASP C 167 13.27 -20.15 17.98
N GLY C 168 13.45 -20.63 16.76
CA GLY C 168 13.01 -21.97 16.40
C GLY C 168 13.46 -22.43 15.03
N PHE C 169 13.15 -23.69 14.74
CA PHE C 169 13.45 -24.28 13.44
C PHE C 169 12.33 -25.22 12.98
N SER C 170 12.41 -25.58 11.72
CA SER C 170 11.37 -26.31 11.04
C SER C 170 11.98 -27.01 9.82
N THR C 171 11.49 -28.19 9.53
CA THR C 171 12.02 -28.99 8.43
C THR C 171 10.94 -29.84 7.79
N ALA C 172 11.05 -30.01 6.47
CA ALA C 172 10.09 -30.78 5.70
C ALA C 172 10.83 -31.52 4.63
N ALA C 173 10.38 -32.75 4.35
CA ALA C 173 10.88 -33.53 3.22
C ALA C 173 9.67 -33.95 2.42
N THR C 174 9.85 -34.09 1.12
CA THR C 174 8.82 -34.60 0.22
C THR C 174 9.46 -35.57 -0.75
N TYR C 175 8.98 -36.80 -0.77
CA TYR C 175 9.35 -37.77 -1.79
C TYR C 175 8.22 -37.84 -2.82
N ALA C 176 8.57 -37.69 -4.10
CA ALA C 176 7.59 -37.71 -5.20
C ALA C 176 7.94 -38.81 -6.21
N PHE C 177 7.04 -39.78 -6.37
CA PHE C 177 7.25 -40.89 -7.31
C PHE C 177 6.78 -40.50 -8.71
N ASP C 178 7.38 -41.12 -9.71
CA ASP C 178 7.11 -40.84 -11.13
C ASP C 178 5.64 -41.10 -11.56
N ASN C 179 4.97 -42.05 -10.94
CA ASN C 179 3.60 -42.42 -11.31
C ASN C 179 2.51 -41.39 -10.92
N GLY C 180 2.78 -40.53 -9.93
CA GLY C 180 1.81 -39.52 -9.49
C GLY C 180 1.60 -39.38 -8.00
N ILE C 181 2.06 -40.36 -7.21
CA ILE C 181 2.04 -40.26 -5.75
C ILE C 181 3.15 -39.32 -5.26
N ALA C 182 2.91 -38.67 -4.12
CA ALA C 182 3.95 -37.97 -3.38
C ALA C 182 3.69 -38.07 -1.89
N LEU C 183 4.70 -38.53 -1.15
CA LEU C 183 4.68 -38.56 0.30
C LEU C 183 5.42 -37.36 0.81
N SER C 184 5.12 -36.96 2.05
CA SER C 184 5.66 -35.75 2.58
C SER C 184 5.50 -35.70 4.09
N ALA C 185 6.53 -35.23 4.78
CA ALA C 185 6.59 -35.26 6.22
C ALA C 185 7.42 -34.11 6.71
N GLY C 186 7.08 -33.59 7.88
CA GLY C 186 7.78 -32.42 8.43
C GLY C 186 7.59 -32.22 9.91
N TYR C 187 8.53 -31.51 10.51
CA TYR C 187 8.56 -31.27 11.96
C TYR C 187 9.08 -29.86 12.27
N ALA C 188 8.63 -29.30 13.40
CA ALA C 188 9.04 -27.97 13.86
C ALA C 188 9.10 -27.90 15.38
N ASN C 189 10.13 -27.23 15.90
CA ASN C 189 10.34 -27.00 17.34
C ASN C 189 10.72 -25.53 17.50
N SER C 190 10.08 -24.84 18.42
CA SER C 190 10.36 -23.41 18.65
C SER C 190 10.33 -23.10 20.15
N ASN C 191 11.14 -22.14 20.58
CA ASN C 191 10.96 -21.53 21.90
C ASN C 191 9.72 -20.66 21.80
N ARG C 192 9.00 -20.55 22.90
CA ARG C 192 7.90 -19.60 23.00
C ARG C 192 8.45 -18.29 23.55
N SER C 193 7.71 -17.20 23.40
CA SER C 193 8.13 -15.88 23.91
C SER C 193 7.87 -15.78 25.40
N VAL C 194 8.61 -14.91 26.07
CA VAL C 194 8.44 -14.69 27.51
C VAL C 194 6.98 -14.36 27.82
N ASP C 195 6.34 -13.60 26.93
CA ASP C 195 4.92 -13.23 27.07
C ASP C 195 3.99 -14.46 26.95
N GLN C 196 4.29 -15.35 26.00
CA GLN C 196 3.53 -16.60 25.81
C GLN C 196 3.62 -17.54 27.01
N LYS C 197 4.81 -17.67 27.58
CA LYS C 197 5.06 -18.57 28.71
C LYS C 197 4.26 -18.27 29.99
N ARG C 198 3.70 -17.06 30.09
CA ARG C 198 2.85 -16.71 31.26
C ARG C 198 1.62 -17.60 31.44
N ASP C 199 1.14 -18.22 30.34
CA ASP C 199 0.15 -19.32 30.37
C ASP C 199 0.33 -20.40 31.44
N GLY C 200 1.61 -20.75 31.64
CA GLY C 200 2.00 -21.97 32.37
C GLY C 200 1.82 -23.24 31.54
N ASN C 201 1.70 -23.08 30.23
CA ASN C 201 1.39 -24.15 29.29
C ASN C 201 2.68 -24.95 28.94
N GLY C 202 3.86 -24.36 29.18
CA GLY C 202 5.12 -24.92 28.74
C GLY C 202 5.94 -23.92 27.94
N ASP C 203 7.25 -24.16 27.87
CA ASP C 203 8.19 -23.20 27.29
C ASP C 203 8.49 -23.45 25.82
N LYS C 204 8.01 -24.57 25.28
CA LYS C 204 8.28 -24.97 23.90
C LYS C 204 7.01 -25.15 23.11
N ALA C 205 7.15 -25.06 21.79
CA ALA C 205 6.04 -25.17 20.85
C ALA C 205 6.52 -26.07 19.73
N GLU C 206 5.75 -27.11 19.43
CA GLU C 206 6.16 -28.11 18.47
C GLU C 206 5.00 -28.61 17.66
N ALA C 207 5.31 -29.09 16.46
CA ALA C 207 4.37 -29.80 15.63
C ALA C 207 5.07 -30.80 14.75
N TRP C 208 4.37 -31.84 14.37
CA TRP C 208 4.80 -32.69 13.27
C TRP C 208 3.60 -32.97 12.36
N ALA C 209 3.91 -33.27 11.12
CA ALA C 209 2.91 -33.39 10.10
C ALA C 209 3.34 -34.40 9.07
N THR C 210 2.36 -35.10 8.53
CA THR C 210 2.58 -36.09 7.49
C THR C 210 1.50 -35.89 6.43
N SER C 211 1.86 -36.11 5.17
CA SER C 211 0.90 -36.02 4.06
C SER C 211 1.24 -36.96 2.92
N ALA C 212 0.19 -37.31 2.18
CA ALA C 212 0.32 -38.04 0.94
C ALA C 212 -0.63 -37.39 -0.07
N LYS C 213 -0.25 -37.40 -1.34
CA LYS C 213 -1.16 -36.97 -2.39
C LYS C 213 -1.01 -37.85 -3.62
N TYR C 214 -2.11 -37.99 -4.34
CA TYR C 214 -2.14 -38.64 -5.63
C TYR C 214 -2.58 -37.58 -6.64
N ASP C 215 -1.91 -37.51 -7.79
CA ASP C 215 -2.17 -36.46 -8.78
C ASP C 215 -1.87 -36.97 -10.19
N ALA C 216 -2.82 -37.71 -10.76
CA ALA C 216 -2.70 -38.24 -12.12
C ALA C 216 -4.08 -38.60 -12.69
N ASN C 217 -4.19 -38.56 -14.02
CA ASN C 217 -5.41 -38.94 -14.76
C ASN C 217 -6.61 -38.08 -14.37
N ASN C 218 -6.38 -36.77 -14.30
CA ASN C 218 -7.41 -35.79 -13.94
C ASN C 218 -7.97 -35.91 -12.53
N ILE C 219 -7.36 -36.74 -11.68
CA ILE C 219 -7.81 -36.96 -10.32
C ILE C 219 -6.80 -36.29 -9.41
N TYR C 220 -7.30 -35.73 -8.33
CA TYR C 220 -6.46 -35.16 -7.29
C TYR C 220 -7.02 -35.61 -5.97
N ALA C 221 -6.25 -36.37 -5.24
CA ALA C 221 -6.61 -36.72 -3.88
C ALA C 221 -5.41 -36.39 -2.99
N ALA C 222 -5.69 -35.90 -1.78
CA ALA C 222 -4.67 -35.67 -0.80
C ALA C 222 -5.21 -35.94 0.59
N VAL C 223 -4.33 -36.39 1.47
CA VAL C 223 -4.67 -36.58 2.86
C VAL C 223 -3.49 -36.06 3.69
N MET C 224 -3.80 -35.63 4.92
CA MET C 224 -2.81 -34.98 5.75
C MET C 224 -3.18 -35.16 7.23
N TYR C 225 -2.22 -35.56 8.06
CA TYR C 225 -2.42 -35.66 9.51
C TYR C 225 -1.30 -34.92 10.22
N SER C 226 -1.64 -34.18 11.27
CA SER C 226 -0.64 -33.57 12.16
C SER C 226 -1.09 -33.44 13.59
N GLN C 227 -0.11 -33.17 14.43
CA GLN C 227 -0.32 -32.81 15.82
C GLN C 227 0.56 -31.61 16.14
N THR C 228 0.02 -30.68 16.94
CA THR C 228 0.77 -29.52 17.40
C THR C 228 0.67 -29.47 18.91
N TYR C 229 1.65 -28.80 19.52
CA TYR C 229 1.74 -28.68 20.98
C TYR C 229 2.13 -27.26 21.28
N ASN C 230 1.28 -26.54 22.02
CA ASN C 230 1.48 -25.11 22.36
C ASN C 230 1.72 -24.17 21.15
N MET C 231 1.28 -24.59 19.96
CA MET C 231 1.53 -23.89 18.69
C MET C 231 0.30 -23.20 18.13
N THR C 232 -0.83 -23.92 18.15
CA THR C 232 -2.06 -23.52 17.48
C THR C 232 -2.94 -22.59 18.33
N PRO C 233 -3.17 -21.34 17.87
CA PRO C 233 -4.01 -20.41 18.60
C PRO C 233 -5.52 -20.64 18.42
N GLU C 234 -6.23 -20.57 19.54
CA GLU C 234 -7.68 -20.64 19.52
C GLU C 234 -8.18 -19.22 19.25
N GLU C 235 -9.45 -19.13 18.83
CA GLU C 235 -10.12 -17.84 18.63
C GLU C 235 -10.12 -16.96 19.89
N ASP C 236 -9.97 -17.60 21.04
CA ASP C 236 -9.88 -16.96 22.35
C ASP C 236 -8.53 -16.25 22.61
N ASP C 237 -7.52 -16.51 21.79
CA ASP C 237 -6.10 -16.13 22.01
C ASP C 237 -5.35 -16.97 23.07
N HIS C 238 -5.99 -18.01 23.58
CA HIS C 238 -5.30 -19.06 24.32
C HIS C 238 -4.71 -20.01 23.29
N PHE C 239 -3.62 -20.65 23.62
CA PHE C 239 -3.02 -21.64 22.74
C PHE C 239 -3.47 -23.05 23.11
N ALA C 240 -3.71 -23.87 22.08
CA ALA C 240 -4.07 -25.26 22.30
C ALA C 240 -2.80 -26.01 22.70
N GLY C 241 -2.86 -26.58 23.89
CA GLY C 241 -1.77 -27.38 24.43
C GLY C 241 -1.45 -28.59 23.60
N LYS C 242 -2.45 -29.18 22.99
CA LYS C 242 -2.29 -30.32 22.09
C LYS C 242 -3.42 -30.25 21.06
N THR C 243 -3.10 -30.55 19.81
CA THR C 243 -4.04 -30.49 18.68
C THR C 243 -3.82 -31.77 17.86
N GLN C 244 -4.90 -32.30 17.29
CA GLN C 244 -4.83 -33.39 16.33
C GLN C 244 -5.58 -32.88 15.13
N ASN C 245 -4.91 -32.83 14.00
CA ASN C 245 -5.46 -32.24 12.81
C ASN C 245 -5.51 -33.29 11.74
N PHE C 246 -6.64 -33.32 11.03
CA PHE C 246 -6.78 -34.17 9.88
C PHE C 246 -7.46 -33.36 8.79
N GLU C 247 -6.88 -33.38 7.60
CA GLU C 247 -7.49 -32.79 6.43
C GLU C 247 -7.45 -33.81 5.27
N ALA C 248 -8.36 -33.66 4.32
CA ALA C 248 -8.44 -34.57 3.18
C ALA C 248 -9.17 -33.89 2.04
N VAL C 249 -8.79 -34.21 0.81
CA VAL C 249 -9.36 -33.57 -0.37
C VAL C 249 -9.44 -34.53 -1.54
N VAL C 250 -10.54 -34.51 -2.26
CA VAL C 250 -10.58 -35.17 -3.57
C VAL C 250 -11.18 -34.22 -4.58
N GLN C 251 -10.63 -34.17 -5.78
CA GLN C 251 -11.09 -33.30 -6.87
C GLN C 251 -10.89 -34.02 -8.18
N TYR C 252 -11.67 -33.65 -9.17
CA TYR C 252 -11.59 -34.24 -10.49
C TYR C 252 -11.65 -33.13 -11.51
N GLN C 253 -10.89 -33.26 -12.59
CA GLN C 253 -10.76 -32.24 -13.61
C GLN C 253 -11.38 -32.75 -14.93
N PHE C 254 -12.54 -32.22 -15.26
CA PHE C 254 -13.16 -32.51 -16.54
C PHE C 254 -12.44 -31.76 -17.63
N ASP C 255 -12.40 -32.35 -18.83
CA ASP C 255 -11.71 -31.75 -19.97
C ASP C 255 -12.32 -30.40 -20.38
N PHE C 256 -13.61 -30.20 -20.08
CA PHE C 256 -14.34 -28.99 -20.53
C PHE C 256 -14.25 -27.78 -19.59
N GLY C 257 -13.41 -27.86 -18.55
CA GLY C 257 -13.12 -26.72 -17.67
C GLY C 257 -13.63 -26.87 -16.23
N LEU C 258 -14.60 -27.77 -16.02
CA LEU C 258 -15.17 -27.96 -14.70
C LEU C 258 -14.27 -28.78 -13.79
N ARG C 259 -14.23 -28.43 -12.52
CA ARG C 259 -13.41 -29.12 -11.55
C ARG C 259 -14.08 -29.10 -10.18
N PRO C 260 -14.95 -30.10 -9.94
CA PRO C 260 -15.55 -30.20 -8.62
C PRO C 260 -14.53 -30.66 -7.59
N SER C 261 -14.82 -30.34 -6.32
CA SER C 261 -13.92 -30.56 -5.20
C SER C 261 -14.71 -30.95 -3.96
N LEU C 262 -14.20 -31.92 -3.22
CA LEU C 262 -14.72 -32.28 -1.92
C LEU C 262 -13.57 -32.26 -0.92
N GLY C 263 -13.78 -31.56 0.19
CA GLY C 263 -12.72 -31.26 1.17
C GLY C 263 -13.22 -31.49 2.57
N TYR C 264 -12.37 -32.04 3.42
CA TYR C 264 -12.68 -32.27 4.82
C TYR C 264 -11.54 -31.77 5.67
N VAL C 265 -11.89 -31.08 6.75
CA VAL C 265 -10.91 -30.40 7.59
C VAL C 265 -11.39 -30.45 9.04
N GLN C 266 -10.58 -31.05 9.91
CA GLN C 266 -10.88 -31.18 11.32
C GLN C 266 -9.65 -30.87 12.18
N THR C 267 -9.88 -30.26 13.34
CA THR C 267 -8.84 -29.94 14.30
C THR C 267 -9.39 -30.13 15.73
N LYS C 268 -8.97 -31.20 16.41
CA LYS C 268 -9.39 -31.52 17.79
C LYS C 268 -8.41 -30.93 18.80
N GLY C 269 -8.90 -30.11 19.71
CA GLY C 269 -8.09 -29.63 20.83
C GLY C 269 -8.13 -30.62 21.98
N LYS C 270 -6.97 -30.86 22.59
CA LYS C 270 -6.83 -31.72 23.78
C LYS C 270 -6.30 -30.88 24.95
N ASN C 271 -6.70 -31.24 26.18
CA ASN C 271 -6.28 -30.55 27.42
C ASN C 271 -6.41 -29.02 27.38
N LEU C 272 -7.55 -28.54 26.90
CA LEU C 272 -7.80 -27.11 26.78
C LEU C 272 -8.13 -26.48 28.14
N GLN C 273 -7.61 -25.29 28.40
CA GLN C 273 -7.85 -24.56 29.66
C GLN C 273 -9.31 -24.15 29.83
N ALA C 274 -9.76 -24.02 31.06
CA ALA C 274 -11.13 -23.64 31.31
C ALA C 274 -11.32 -22.14 31.32
N ARG C 275 -12.47 -21.70 30.82
CA ARG C 275 -12.80 -20.28 30.77
C ARG C 275 -14.28 -20.06 30.52
N GLY C 276 -14.89 -19.11 31.21
CA GLY C 276 -16.32 -18.82 30.96
C GLY C 276 -17.22 -20.01 31.22
N GLY C 277 -18.09 -20.33 30.27
CA GLY C 277 -18.93 -21.53 30.35
C GLY C 277 -18.19 -22.85 30.24
N PHE C 278 -17.04 -22.86 29.55
CA PHE C 278 -16.30 -24.09 29.24
C PHE C 278 -15.47 -24.61 30.42
N GLY C 279 -15.97 -25.67 31.07
CA GLY C 279 -15.28 -26.28 32.19
C GLY C 279 -14.10 -27.13 31.77
N GLY C 280 -14.38 -28.16 30.98
CA GLY C 280 -13.43 -29.25 30.70
C GLY C 280 -12.22 -28.90 29.85
N GLY C 281 -11.73 -29.89 29.10
CA GLY C 281 -10.56 -29.71 28.25
C GLY C 281 -10.42 -30.64 27.06
N ASP C 282 -11.51 -30.83 26.30
CA ASP C 282 -11.47 -31.59 25.05
C ASP C 282 -12.56 -31.04 24.12
N ALA C 283 -12.18 -30.64 22.91
CA ALA C 283 -13.13 -29.97 22.00
C ALA C 283 -12.60 -29.84 20.58
N ASP C 284 -13.52 -29.87 19.62
CA ASP C 284 -13.19 -29.58 18.23
C ASP C 284 -13.04 -28.07 18.12
N LEU C 285 -12.00 -27.64 17.41
CA LEU C 285 -11.77 -26.22 17.11
C LEU C 285 -12.23 -25.87 15.70
N VAL C 286 -12.03 -26.81 14.78
CA VAL C 286 -12.46 -26.71 13.40
C VAL C 286 -12.97 -28.06 12.96
N LYS C 287 -14.10 -28.09 12.25
CA LYS C 287 -14.64 -29.30 11.65
C LYS C 287 -15.63 -28.89 10.56
N TYR C 288 -15.27 -29.12 9.32
CA TYR C 288 -16.15 -28.74 8.22
C TYR C 288 -15.86 -29.50 6.94
N VAL C 289 -16.92 -29.63 6.14
CA VAL C 289 -16.83 -30.13 4.79
C VAL C 289 -17.00 -28.98 3.82
N GLU C 290 -16.13 -28.89 2.82
CA GLU C 290 -16.31 -28.00 1.70
C GLU C 290 -16.67 -28.79 0.47
N LEU C 291 -17.82 -28.44 -0.10
CA LEU C 291 -18.22 -28.88 -1.41
C LEU C 291 -18.18 -27.66 -2.28
N GLY C 292 -17.39 -27.72 -3.35
CA GLY C 292 -17.21 -26.58 -4.24
C GLY C 292 -16.73 -26.99 -5.61
N THR C 293 -16.73 -26.04 -6.54
CA THR C 293 -16.26 -26.29 -7.90
C THR C 293 -15.61 -25.06 -8.53
N TRP C 294 -14.65 -25.30 -9.42
CA TRP C 294 -14.14 -24.26 -10.31
C TRP C 294 -14.65 -24.50 -11.70
N TYR C 295 -14.77 -23.42 -12.48
CA TYR C 295 -14.88 -23.55 -13.92
C TYR C 295 -13.78 -22.73 -14.58
N TYR C 296 -12.76 -23.43 -15.09
CA TYR C 296 -11.64 -22.75 -15.75
C TYR C 296 -11.93 -22.45 -17.23
N PHE C 297 -12.07 -21.17 -17.56
CA PHE C 297 -12.22 -20.73 -18.95
C PHE C 297 -10.92 -20.87 -19.71
N ASN C 298 -9.83 -20.49 -19.06
CA ASN C 298 -8.46 -20.71 -19.54
C ASN C 298 -7.50 -20.37 -18.40
N LYS C 299 -6.20 -20.42 -18.65
CA LYS C 299 -5.19 -20.14 -17.65
C LYS C 299 -5.44 -18.79 -16.93
N ASN C 300 -5.94 -17.80 -17.66
CA ASN C 300 -6.14 -16.43 -17.17
C ASN C 300 -7.45 -16.15 -16.44
N MET C 301 -8.47 -16.98 -16.61
CA MET C 301 -9.81 -16.63 -16.14
C MET C 301 -10.51 -17.85 -15.56
N ASN C 302 -11.07 -17.70 -14.37
CA ASN C 302 -11.97 -18.72 -13.85
C ASN C 302 -13.03 -18.14 -12.92
N VAL C 303 -14.04 -18.96 -12.69
CA VAL C 303 -15.13 -18.66 -11.77
C VAL C 303 -15.23 -19.84 -10.82
N TYR C 304 -15.79 -19.61 -9.64
CA TYR C 304 -15.88 -20.70 -8.68
C TYR C 304 -16.95 -20.44 -7.65
N ALA C 305 -17.35 -21.50 -6.98
CA ALA C 305 -18.41 -21.45 -5.98
C ALA C 305 -18.16 -22.54 -5.00
N ALA C 306 -18.56 -22.34 -3.75
CA ALA C 306 -18.31 -23.35 -2.71
C ALA C 306 -19.23 -23.19 -1.54
N TYR C 307 -19.48 -24.30 -0.86
CA TYR C 307 -20.31 -24.30 0.32
C TYR C 307 -19.61 -25.02 1.46
N LYS C 308 -19.57 -24.38 2.62
CA LYS C 308 -18.91 -24.91 3.80
C LYS C 308 -20.00 -25.41 4.76
N PHE C 309 -20.06 -26.73 4.93
CA PHE C 309 -20.92 -27.35 5.94
C PHE C 309 -20.14 -27.39 7.23
N ASN C 310 -20.48 -26.50 8.16
CA ASN C 310 -19.77 -26.34 9.41
C ASN C 310 -20.39 -27.26 10.45
N GLN C 311 -19.63 -28.29 10.82
CA GLN C 311 -20.10 -29.38 11.66
C GLN C 311 -19.80 -29.20 13.13
N LEU C 312 -19.34 -28.01 13.53
CA LEU C 312 -19.18 -27.73 14.94
C LEU C 312 -20.57 -27.44 15.54
N ASP C 313 -20.78 -27.95 16.75
CA ASP C 313 -22.00 -27.73 17.51
C ASP C 313 -21.89 -26.50 18.36
N ASP C 314 -23.04 -25.93 18.69
CA ASP C 314 -23.13 -24.89 19.71
C ASP C 314 -23.02 -25.58 21.06
N ASN C 315 -21.88 -25.41 21.73
CA ASN C 315 -21.63 -26.07 23.02
C ASN C 315 -20.80 -25.17 23.94
N ALA C 316 -20.48 -25.66 25.14
CA ALA C 316 -19.72 -24.88 26.13
C ALA C 316 -18.44 -24.24 25.57
N TYR C 317 -17.69 -25.00 24.76
CA TYR C 317 -16.45 -24.51 24.18
C TYR C 317 -16.71 -23.40 23.18
N THR C 318 -17.52 -23.69 22.16
CA THR C 318 -17.77 -22.73 21.07
C THR C 318 -18.30 -21.37 21.55
N ARG C 319 -19.11 -21.40 22.60
CA ARG C 319 -19.66 -20.18 23.20
C ARG C 319 -18.58 -19.40 23.94
N ALA C 320 -17.79 -20.08 24.76
CA ALA C 320 -16.73 -19.43 25.56
C ALA C 320 -15.60 -18.90 24.69
N ALA C 321 -15.12 -19.73 23.76
CA ALA C 321 -14.04 -19.31 22.85
C ALA C 321 -14.50 -18.42 21.69
N GLY C 322 -15.81 -18.28 21.47
CA GLY C 322 -16.33 -17.45 20.38
C GLY C 322 -16.03 -17.98 18.99
N VAL C 323 -16.11 -19.30 18.80
CA VAL C 323 -15.91 -19.93 17.49
C VAL C 323 -17.26 -19.94 16.77
N ALA C 324 -17.22 -19.69 15.45
CA ALA C 324 -18.42 -19.67 14.61
C ALA C 324 -18.80 -21.09 14.23
N THR C 325 -20.07 -21.44 14.46
CA THR C 325 -20.59 -22.78 14.20
C THR C 325 -21.39 -22.87 12.89
N ASP C 326 -21.47 -21.75 12.15
CA ASP C 326 -22.44 -21.58 11.07
C ASP C 326 -21.86 -21.93 9.72
N ASP C 327 -22.76 -22.27 8.80
CA ASP C 327 -22.38 -22.66 7.45
C ASP C 327 -22.12 -21.39 6.66
N GLN C 328 -21.34 -21.54 5.60
CA GLN C 328 -20.98 -20.44 4.73
C GLN C 328 -21.02 -20.85 3.28
N ALA C 329 -21.03 -19.84 2.44
CA ALA C 329 -21.05 -20.04 1.01
C ALA C 329 -20.23 -18.93 0.38
N ALA C 330 -19.69 -19.20 -0.81
CA ALA C 330 -18.80 -18.27 -1.45
C ALA C 330 -18.87 -18.44 -2.94
N VAL C 331 -18.90 -17.32 -3.65
CA VAL C 331 -18.82 -17.32 -5.10
C VAL C 331 -17.72 -16.35 -5.44
N GLY C 332 -17.09 -16.53 -6.60
CA GLY C 332 -16.10 -15.59 -7.07
C GLY C 332 -15.72 -15.71 -8.52
N ILE C 333 -15.14 -14.66 -9.04
CA ILE C 333 -14.58 -14.61 -10.40
C ILE C 333 -13.15 -14.07 -10.28
N VAL C 334 -12.25 -14.58 -11.11
CA VAL C 334 -10.82 -14.28 -11.01
C VAL C 334 -10.20 -13.99 -12.37
N TYR C 335 -9.55 -12.83 -12.49
CA TYR C 335 -8.65 -12.60 -13.61
C TYR C 335 -7.26 -12.83 -13.03
N GLN C 336 -6.35 -13.40 -13.82
CA GLN C 336 -5.14 -14.05 -13.29
C GLN C 336 -4.07 -13.86 -14.37
N PHE C 337 -2.83 -13.67 -13.96
CA PHE C 337 -1.71 -13.45 -14.89
C PHE C 337 -0.51 -13.68 -13.99
#